data_9CAG
#
_entry.id   9CAG
#
_cell.length_a   1.00
_cell.length_b   1.00
_cell.length_c   1.00
_cell.angle_alpha   90.00
_cell.angle_beta   90.00
_cell.angle_gamma   90.00
#
_symmetry.space_group_name_H-M   'P 1'
#
loop_
_entity.id
_entity.type
_entity.pdbx_description
1 polymer 'DNA topoisomerase 3-beta-1'
2 polymer 'Tudor domain-containing protein 3'
3 polymer "RNA (5'-R(P*AP*CP*UP*AP*AP*AP*AP*U)-3')"
4 non-polymer 'MANGANESE (II) ION'
#
loop_
_entity_poly.entity_id
_entity_poly.type
_entity_poly.pdbx_seq_one_letter_code
_entity_poly.pdbx_strand_id
1 'polypeptide(L)'
;VMKTVLMVAEKPSLAQSIAKILSRGSLSSHKGLNGACSVHEYTGTFAGQPVRFKMTSVCGHVMTLDFLGKYNKWDKVDPA
ELFSQAPTEKKEANPKLNMVKFLQVEGRGCDYIVLWLDCDKEGENICFEVLDAVLPVMNKAHGGEKTVFRARFSSITDTD
ICNAMACLGEPDHNEALSVDARQELDLRIGCAFTRFQTKYFQGKYGDLDSSLISFGPCQTPTLGFCVERHDKIQSFKPET
YWVLQAKVNTDKDRSLLLDWDRVRVFDREIAQMFLNMTKLEKEAQVEATSRKEKAKQRPLALNTVEMLRVASSSLGMGPQ
HAMQTAERLYTQGYISFPRTETTHYPENFDLKGSLRQQANHPYWADTVKRLLAEGINRPRKGHDAGDHPPITPMKSATEA
ELGGDAWRLYEYITRHFIATVSHDCKYLQSTISFRIGPELFTCSGKTVLSPGFTEVMPWQSVPLEESLPTCQRGDAFPVG
EVKMLEKQTNPPDYLTEAELITLMEKHGIGTDASIPVHINNICQRNYVTVESGRRLKPTNLGIVLVHGYYKIDAELVLPT
IRSAVEKQLNLIAQGKADYRQVLGHTLDVFKRKFHYFVDSIAGMDELMEVSF
;
A
2 'polypeptide(L)'
;MAQVAGAALSQAGWYLSDEGIEACTSSPDKVNVNDIILIALNTDLRTIGKKFLPSDINSGKVEKLEGPCVLQIQKIRNVA
APKDNEESQAAPRMLRLQMTDGHISCTAVEFSYMSKISLNTPPGTKVKLSGIVDIKNGFLLLNDSNTTVLGGEVEHLIEK
W
;
B
3 'polyribonucleotide' ACUAAAAU E
#
# COMPACT_ATOMS: atom_id res chain seq x y z
N VAL A 1 2.02 -59.51 -9.15
CA VAL A 1 1.98 -58.34 -10.03
C VAL A 1 1.78 -57.07 -9.20
N MET A 2 2.79 -56.22 -9.20
CA MET A 2 2.73 -55.00 -8.41
C MET A 2 1.81 -53.98 -9.07
N LYS A 3 1.28 -53.08 -8.26
CA LYS A 3 0.34 -52.06 -8.70
C LYS A 3 1.11 -50.86 -9.25
N THR A 4 0.39 -49.81 -9.64
CA THR A 4 0.99 -48.57 -10.09
C THR A 4 0.34 -47.40 -9.38
N VAL A 5 1.16 -46.41 -9.03
CA VAL A 5 0.69 -45.17 -8.40
C VAL A 5 0.95 -44.03 -9.36
N LEU A 6 -0.11 -43.33 -9.74
CA LEU A 6 -0.04 -42.20 -10.66
C LEU A 6 0.07 -40.91 -9.87
N MET A 7 1.09 -40.12 -10.15
CA MET A 7 1.31 -38.84 -9.51
C MET A 7 1.23 -37.75 -10.56
N VAL A 8 0.62 -36.63 -10.22
CA VAL A 8 0.40 -35.53 -11.16
C VAL A 8 0.93 -34.24 -10.57
N ALA A 9 1.59 -33.44 -11.40
CA ALA A 9 2.13 -32.16 -10.99
C ALA A 9 1.62 -31.06 -11.92
N GLU A 10 1.63 -29.83 -11.40
CA GLU A 10 1.15 -28.68 -12.15
C GLU A 10 2.10 -28.23 -13.25
N LYS A 11 3.35 -28.70 -13.25
CA LYS A 11 4.35 -28.26 -14.21
C LYS A 11 5.25 -29.43 -14.59
N PRO A 12 5.71 -29.48 -15.85
CA PRO A 12 6.70 -30.50 -16.22
C PRO A 12 7.97 -30.43 -15.40
N SER A 13 8.49 -29.22 -15.13
CA SER A 13 9.70 -29.10 -14.33
C SER A 13 9.48 -29.58 -12.91
N LEU A 14 8.33 -29.23 -12.33
CA LEU A 14 8.00 -29.68 -10.98
C LEU A 14 7.90 -31.20 -10.93
N ALA A 15 7.25 -31.80 -11.93
CA ALA A 15 7.13 -33.25 -11.96
C ALA A 15 8.49 -33.91 -12.09
N GLN A 16 9.35 -33.38 -12.96
CA GLN A 16 10.68 -33.97 -13.12
C GLN A 16 11.48 -33.88 -11.84
N SER A 17 11.44 -32.73 -11.16
CA SER A 17 12.18 -32.57 -9.92
C SER A 17 11.67 -33.53 -8.84
N ILE A 18 10.35 -33.61 -8.69
CA ILE A 18 9.78 -34.48 -7.66
C ILE A 18 10.11 -35.93 -7.95
N ALA A 19 9.99 -36.35 -9.21
CA ALA A 19 10.29 -37.73 -9.56
C ALA A 19 11.76 -38.05 -9.35
N LYS A 20 12.65 -37.11 -9.68
CA LYS A 20 14.07 -37.33 -9.43
C LYS A 20 14.36 -37.47 -7.95
N ILE A 21 13.76 -36.61 -7.13
CA ILE A 21 14.01 -36.66 -5.69
C ILE A 21 13.51 -37.98 -5.10
N LEU A 22 12.29 -38.38 -5.46
CA LEU A 22 11.73 -39.59 -4.90
C LEU A 22 12.32 -40.86 -5.48
N SER A 23 12.97 -40.78 -6.63
CA SER A 23 13.57 -41.95 -7.26
C SER A 23 14.95 -42.26 -6.72
N ARG A 24 15.56 -41.34 -5.97
CA ARG A 24 16.94 -41.46 -5.56
C ARG A 24 17.86 -41.61 -6.76
N GLY A 25 17.51 -40.95 -7.86
CA GLY A 25 18.29 -40.96 -9.07
C GLY A 25 17.95 -42.05 -10.06
N SER A 26 17.03 -42.96 -9.73
CA SER A 26 16.67 -44.06 -10.62
C SER A 26 15.34 -43.71 -11.30
N LEU A 27 15.45 -42.96 -12.39
CA LEU A 27 14.29 -42.43 -13.10
C LEU A 27 14.32 -42.89 -14.55
N SER A 28 13.16 -43.23 -15.09
CA SER A 28 13.01 -43.53 -16.51
C SER A 28 12.07 -42.51 -17.15
N SER A 29 12.46 -41.95 -18.28
CA SER A 29 11.73 -40.87 -18.92
C SER A 29 11.12 -41.31 -20.25
N HIS A 30 9.90 -40.85 -20.50
CA HIS A 30 9.23 -41.05 -21.77
C HIS A 30 8.40 -39.81 -22.06
N LYS A 31 8.03 -39.63 -23.32
CA LYS A 31 7.24 -38.48 -23.76
C LYS A 31 5.83 -38.92 -24.10
N GLY A 32 4.86 -38.15 -23.64
CA GLY A 32 3.46 -38.50 -23.78
C GLY A 32 2.85 -38.04 -25.08
N LEU A 33 1.53 -38.22 -25.18
CA LEU A 33 0.81 -37.88 -26.40
C LEU A 33 0.86 -36.38 -26.68
N ASN A 34 0.78 -35.57 -25.63
CA ASN A 34 0.73 -34.12 -25.83
C ASN A 34 2.01 -33.60 -26.47
N GLY A 35 3.16 -34.12 -26.05
CA GLY A 35 4.44 -33.67 -26.55
C GLY A 35 5.18 -32.73 -25.62
N ALA A 36 4.52 -32.21 -24.59
CA ALA A 36 5.16 -31.36 -23.60
C ALA A 36 5.26 -32.03 -22.25
N CYS A 37 4.16 -32.56 -21.74
CA CYS A 37 4.20 -33.33 -20.50
C CYS A 37 4.93 -34.64 -20.72
N SER A 38 5.66 -35.08 -19.71
CA SER A 38 6.46 -36.29 -19.78
C SER A 38 6.06 -37.25 -18.67
N VAL A 39 6.42 -38.51 -18.86
CA VAL A 39 6.09 -39.59 -17.92
C VAL A 39 7.39 -40.14 -17.36
N HIS A 40 7.51 -40.16 -16.03
CA HIS A 40 8.68 -40.68 -15.35
C HIS A 40 8.27 -41.90 -14.53
N GLU A 41 8.95 -43.01 -14.76
CA GLU A 41 8.63 -44.28 -14.12
C GLU A 41 9.79 -44.71 -13.22
N TYR A 42 9.43 -45.25 -12.05
CA TYR A 42 10.43 -45.79 -11.14
C TYR A 42 9.77 -46.69 -10.10
N THR A 43 10.50 -47.70 -9.64
CA THR A 43 9.98 -48.66 -8.69
C THR A 43 10.15 -48.17 -7.26
N GLY A 44 9.23 -48.58 -6.39
CA GLY A 44 9.33 -48.18 -5.00
C GLY A 44 8.29 -48.87 -4.15
N THR A 45 8.00 -48.27 -3.00
CA THR A 45 7.01 -48.79 -2.07
C THR A 45 6.07 -47.68 -1.67
N PHE A 46 4.76 -48.00 -1.62
CA PHE A 46 3.76 -47.01 -1.24
C PHE A 46 3.04 -47.38 0.05
N ALA A 47 2.43 -48.56 0.12
CA ALA A 47 1.60 -48.95 1.26
C ALA A 47 2.10 -50.27 1.84
N GLY A 48 3.39 -50.34 2.10
CA GLY A 48 3.99 -51.58 2.59
C GLY A 48 3.98 -52.68 1.55
N GLN A 49 4.26 -52.35 0.29
CA GLN A 49 4.20 -53.30 -0.81
C GLN A 49 4.88 -52.73 -2.05
N PRO A 50 5.59 -53.54 -2.83
CA PRO A 50 6.24 -53.04 -4.05
C PRO A 50 5.22 -52.50 -5.03
N VAL A 51 5.61 -51.43 -5.73
CA VAL A 51 4.67 -50.71 -6.59
C VAL A 51 5.45 -49.82 -7.53
N ARG A 52 4.96 -49.71 -8.76
CA ARG A 52 5.52 -48.78 -9.73
C ARG A 52 5.01 -47.37 -9.46
N PHE A 53 5.80 -46.39 -9.88
CA PHE A 53 5.49 -44.99 -9.72
C PHE A 53 5.54 -44.34 -11.09
N LYS A 54 4.46 -43.66 -11.46
CA LYS A 54 4.33 -43.00 -12.76
C LYS A 54 3.99 -41.54 -12.50
N MET A 55 4.99 -40.67 -12.62
CA MET A 55 4.85 -39.24 -12.37
C MET A 55 4.64 -38.54 -13.70
N THR A 56 3.69 -37.60 -13.74
CA THR A 56 3.33 -36.91 -14.96
C THR A 56 2.93 -35.48 -14.62
N SER A 57 2.63 -34.71 -15.66
CA SER A 57 2.40 -33.29 -15.52
C SER A 57 1.06 -32.91 -16.13
N VAL A 58 0.48 -31.85 -15.61
CA VAL A 58 -0.66 -31.18 -16.21
C VAL A 58 -0.31 -29.71 -16.35
N CYS A 59 -0.37 -29.19 -17.58
CA CYS A 59 0.04 -27.81 -17.86
C CYS A 59 -1.08 -26.87 -17.43
N GLY A 60 -1.09 -26.54 -16.15
CA GLY A 60 -2.07 -25.62 -15.64
C GLY A 60 -3.46 -26.22 -15.60
N HIS A 61 -4.46 -25.36 -15.78
CA HIS A 61 -5.85 -25.78 -15.76
C HIS A 61 -6.13 -26.71 -16.93
N VAL A 62 -6.77 -27.86 -16.64
CA VAL A 62 -7.22 -28.73 -17.72
C VAL A 62 -8.35 -28.09 -18.50
N MET A 63 -9.31 -27.48 -17.80
CA MET A 63 -10.55 -27.02 -18.40
C MET A 63 -10.82 -25.58 -18.01
N THR A 64 -11.50 -24.87 -18.89
CA THR A 64 -11.89 -23.48 -18.68
C THR A 64 -13.40 -23.35 -18.85
N LEU A 65 -14.00 -22.47 -18.06
CA LEU A 65 -15.44 -22.31 -18.01
C LEU A 65 -15.90 -21.36 -19.11
N ASP A 66 -16.95 -21.74 -19.83
CA ASP A 66 -17.48 -20.90 -20.89
C ASP A 66 -18.93 -21.27 -21.13
N PHE A 67 -19.67 -20.35 -21.74
CA PHE A 67 -21.07 -20.58 -22.05
C PHE A 67 -21.20 -21.64 -23.14
N LEU A 68 -22.26 -22.45 -23.03
CA LEU A 68 -22.48 -23.57 -23.92
C LEU A 68 -23.63 -23.23 -24.87
N GLY A 69 -23.36 -23.27 -26.16
CA GLY A 69 -24.40 -23.09 -27.16
C GLY A 69 -24.44 -21.72 -27.79
N LYS A 70 -25.65 -21.23 -28.07
CA LYS A 70 -25.82 -19.96 -28.75
C LYS A 70 -25.35 -18.78 -27.93
N TYR A 71 -25.25 -18.93 -26.61
CA TYR A 71 -25.00 -17.80 -25.72
C TYR A 71 -23.59 -17.25 -25.88
N ASN A 72 -22.72 -17.93 -26.59
CA ASN A 72 -21.39 -17.39 -26.88
C ASN A 72 -21.38 -16.45 -28.08
N LYS A 73 -22.51 -16.29 -28.77
CA LYS A 73 -22.62 -15.38 -29.89
C LYS A 73 -23.29 -14.09 -29.43
N TRP A 74 -22.69 -12.98 -29.75
CA TRP A 74 -23.17 -11.72 -29.15
C TRP A 74 -24.42 -11.19 -29.84
N ASP A 75 -24.58 -11.40 -31.12
CA ASP A 75 -25.70 -10.82 -31.84
C ASP A 75 -27.02 -11.56 -31.60
N LYS A 76 -27.00 -12.72 -30.97
CA LYS A 76 -28.20 -13.53 -30.78
C LYS A 76 -28.42 -13.84 -29.30
N VAL A 77 -28.28 -12.84 -28.43
CA VAL A 77 -28.46 -13.04 -27.01
C VAL A 77 -28.67 -11.67 -26.36
N ASP A 78 -29.35 -11.66 -25.21
CA ASP A 78 -29.46 -10.48 -24.39
C ASP A 78 -28.54 -10.64 -23.20
N PRO A 79 -27.59 -9.72 -22.97
CA PRO A 79 -26.66 -9.91 -21.84
C PRO A 79 -27.36 -10.09 -20.51
N ALA A 80 -28.58 -9.56 -20.36
CA ALA A 80 -29.30 -9.69 -19.10
C ALA A 80 -29.56 -11.14 -18.75
N GLU A 81 -29.66 -12.03 -19.74
CA GLU A 81 -29.89 -13.45 -19.45
C GLU A 81 -28.60 -14.23 -19.33
N LEU A 82 -27.45 -13.56 -19.37
CA LEU A 82 -26.18 -14.24 -19.09
C LEU A 82 -25.99 -14.54 -17.62
N PHE A 83 -26.88 -14.03 -16.75
CA PHE A 83 -26.71 -14.16 -15.31
C PHE A 83 -27.31 -15.47 -14.78
N SER A 84 -28.61 -15.68 -14.99
CA SER A 84 -29.29 -16.83 -14.41
C SER A 84 -30.01 -17.67 -15.45
N GLN A 85 -29.62 -17.58 -16.71
CA GLN A 85 -30.28 -18.37 -17.74
C GLN A 85 -29.30 -19.16 -18.60
N ALA A 86 -28.15 -18.59 -18.91
CA ALA A 86 -27.20 -19.25 -19.81
C ALA A 86 -26.46 -20.36 -19.07
N PRO A 87 -26.52 -21.60 -19.55
CA PRO A 87 -25.73 -22.66 -18.92
C PRO A 87 -24.25 -22.49 -19.19
N THR A 88 -23.43 -22.98 -18.26
CA THR A 88 -21.99 -22.87 -18.34
C THR A 88 -21.37 -24.25 -18.23
N GLU A 89 -20.34 -24.50 -19.04
CA GLU A 89 -19.66 -25.79 -19.06
C GLU A 89 -18.16 -25.58 -19.11
N LYS A 90 -17.43 -26.55 -18.57
CA LYS A 90 -15.97 -26.52 -18.56
C LYS A 90 -15.48 -27.24 -19.80
N LYS A 91 -15.10 -26.48 -20.83
CA LYS A 91 -14.83 -27.10 -22.12
C LYS A 91 -13.41 -27.67 -22.19
N GLU A 92 -12.41 -26.81 -22.17
CA GLU A 92 -11.01 -27.20 -22.35
C GLU A 92 -10.14 -25.95 -22.26
N ALA A 93 -8.85 -26.17 -22.00
CA ALA A 93 -7.85 -25.13 -22.09
C ALA A 93 -6.69 -25.67 -22.89
N ASN A 94 -6.25 -24.91 -23.90
CA ASN A 94 -5.22 -25.34 -24.84
C ASN A 94 -5.61 -26.70 -25.43
N PRO A 95 -6.61 -26.75 -26.30
CA PRO A 95 -7.06 -28.05 -26.83
C PRO A 95 -6.00 -28.77 -27.64
N LYS A 96 -4.97 -28.07 -28.12
CA LYS A 96 -3.87 -28.74 -28.81
C LYS A 96 -3.14 -29.70 -27.88
N LEU A 97 -3.23 -29.50 -26.57
CA LEU A 97 -2.70 -30.44 -25.59
C LEU A 97 -3.88 -31.28 -25.11
N ASN A 98 -4.01 -32.49 -25.65
CA ASN A 98 -5.13 -33.35 -25.29
C ASN A 98 -4.92 -33.88 -23.87
N MET A 99 -5.14 -33.02 -22.88
CA MET A 99 -4.79 -33.38 -21.51
C MET A 99 -5.71 -34.45 -20.94
N VAL A 100 -7.01 -34.36 -21.24
CA VAL A 100 -7.95 -35.37 -20.75
C VAL A 100 -7.59 -36.75 -21.31
N LYS A 101 -7.31 -36.80 -22.61
CA LYS A 101 -6.93 -38.07 -23.23
C LYS A 101 -5.60 -38.57 -22.69
N PHE A 102 -4.66 -37.66 -22.43
CA PHE A 102 -3.38 -38.06 -21.85
C PHE A 102 -3.57 -38.68 -20.47
N LEU A 103 -4.37 -38.04 -19.63
CA LEU A 103 -4.60 -38.58 -18.30
C LEU A 103 -5.33 -39.91 -18.37
N GLN A 104 -6.27 -40.04 -19.31
CA GLN A 104 -7.00 -41.30 -19.44
C GLN A 104 -6.09 -42.44 -19.91
N VAL A 105 -5.18 -42.15 -20.84
CA VAL A 105 -4.28 -43.21 -21.31
C VAL A 105 -3.14 -43.47 -20.34
N GLU A 106 -2.88 -42.55 -19.41
CA GLU A 106 -1.86 -42.78 -18.40
C GLU A 106 -2.40 -43.54 -17.19
N GLY A 107 -3.62 -43.25 -16.77
CA GLY A 107 -4.19 -43.90 -15.60
C GLY A 107 -5.11 -45.04 -15.94
N ARG A 108 -4.78 -45.80 -16.99
CA ARG A 108 -5.65 -46.88 -17.44
C ARG A 108 -5.77 -47.97 -16.38
N GLY A 109 -4.69 -48.27 -15.68
CA GLY A 109 -4.72 -49.32 -14.69
C GLY A 109 -4.13 -48.92 -13.35
N CYS A 110 -4.05 -47.62 -13.10
CA CYS A 110 -3.47 -47.13 -11.85
C CYS A 110 -4.43 -47.36 -10.69
N ASP A 111 -3.92 -47.95 -9.62
CA ASP A 111 -4.75 -48.25 -8.46
C ASP A 111 -4.78 -47.11 -7.45
N TYR A 112 -3.74 -46.29 -7.40
CA TYR A 112 -3.70 -45.13 -6.51
C TYR A 112 -3.34 -43.89 -7.31
N ILE A 113 -3.82 -42.75 -6.83
CA ILE A 113 -3.48 -41.45 -7.40
C ILE A 113 -3.02 -40.53 -6.28
N VAL A 114 -1.86 -39.91 -6.44
CA VAL A 114 -1.32 -38.95 -5.48
C VAL A 114 -1.17 -37.62 -6.20
N LEU A 115 -1.90 -36.61 -5.74
CA LEU A 115 -1.95 -35.31 -6.42
C LEU A 115 -0.84 -34.44 -5.85
N TRP A 116 0.29 -34.43 -6.55
CA TRP A 116 1.42 -33.56 -6.18
C TRP A 116 1.24 -32.18 -6.82
N LEU A 117 0.12 -31.56 -6.49
CA LEU A 117 -0.27 -30.30 -7.09
C LEU A 117 0.01 -29.14 -6.15
N ASP A 118 -0.11 -27.93 -6.68
CA ASP A 118 0.21 -26.74 -5.90
C ASP A 118 -0.75 -26.61 -4.72
N CYS A 119 -0.21 -26.13 -3.60
CA CYS A 119 -1.00 -25.98 -2.37
C CYS A 119 -1.64 -24.60 -2.32
N ASP A 120 -2.65 -24.43 -3.16
CA ASP A 120 -3.47 -23.24 -3.17
C ASP A 120 -4.82 -23.60 -3.78
N LYS A 121 -5.69 -22.58 -3.90
CA LYS A 121 -7.05 -22.83 -4.37
C LYS A 121 -7.07 -23.32 -5.81
N GLU A 122 -6.21 -22.72 -6.62
CA GLU A 122 -6.14 -23.15 -8.04
C GLU A 122 -5.57 -24.57 -8.09
N GLY A 123 -4.64 -24.87 -7.20
CA GLY A 123 -4.13 -26.22 -7.12
C GLY A 123 -5.19 -27.23 -6.78
N GLU A 124 -6.07 -26.90 -5.83
CA GLU A 124 -7.14 -27.83 -5.46
C GLU A 124 -8.15 -28.01 -6.59
N ASN A 125 -8.47 -26.92 -7.30
CA ASN A 125 -9.35 -27.06 -8.46
C ASN A 125 -8.74 -27.97 -9.51
N ILE A 126 -7.44 -27.89 -9.74
CA ILE A 126 -6.87 -28.77 -10.78
C ILE A 126 -6.83 -30.18 -10.16
N CYS A 127 -6.62 -30.29 -8.85
CA CYS A 127 -6.70 -31.62 -8.25
C CYS A 127 -8.01 -32.30 -8.60
N PHE A 128 -9.11 -31.56 -8.47
CA PHE A 128 -10.40 -32.19 -8.70
C PHE A 128 -10.69 -32.39 -10.18
N GLU A 129 -10.16 -31.54 -11.06
CA GLU A 129 -10.33 -31.82 -12.48
C GLU A 129 -9.51 -33.03 -12.92
N VAL A 130 -8.29 -33.18 -12.37
CA VAL A 130 -7.52 -34.40 -12.62
C VAL A 130 -8.26 -35.61 -12.06
N LEU A 131 -8.90 -35.44 -10.90
CA LEU A 131 -9.63 -36.54 -10.29
C LEU A 131 -10.82 -36.96 -11.14
N ASP A 132 -11.61 -36.01 -11.64
CA ASP A 132 -12.75 -36.42 -12.44
C ASP A 132 -12.36 -36.75 -13.88
N ALA A 133 -11.10 -36.57 -14.24
CA ALA A 133 -10.59 -37.12 -15.49
C ALA A 133 -10.01 -38.53 -15.34
N VAL A 134 -9.44 -38.87 -14.19
CA VAL A 134 -8.71 -40.13 -14.06
C VAL A 134 -9.49 -41.19 -13.28
N LEU A 135 -10.30 -40.76 -12.30
CA LEU A 135 -11.06 -41.71 -11.50
C LEU A 135 -11.93 -42.65 -12.32
N PRO A 136 -12.62 -42.23 -13.39
CA PRO A 136 -13.37 -43.21 -14.19
C PRO A 136 -12.52 -44.34 -14.74
N VAL A 137 -11.25 -44.09 -15.06
CA VAL A 137 -10.42 -45.09 -15.72
C VAL A 137 -9.46 -45.80 -14.77
N MET A 138 -9.54 -45.52 -13.47
CA MET A 138 -8.75 -46.28 -12.51
C MET A 138 -9.39 -47.62 -12.22
N ASN A 139 -8.57 -48.55 -11.74
CA ASN A 139 -9.09 -49.84 -11.32
C ASN A 139 -9.98 -49.67 -10.10
N LYS A 140 -11.03 -50.50 -10.03
CA LYS A 140 -11.96 -50.42 -8.92
C LYS A 140 -11.24 -50.71 -7.61
N ALA A 141 -11.50 -49.88 -6.61
CA ALA A 141 -10.85 -50.01 -5.30
C ALA A 141 -11.75 -50.85 -4.40
N HIS A 142 -11.50 -52.15 -4.39
CA HIS A 142 -12.29 -53.03 -3.53
C HIS A 142 -11.95 -52.77 -2.06
N GLY A 143 -12.98 -52.92 -1.23
CA GLY A 143 -12.82 -52.65 0.19
C GLY A 143 -12.85 -51.17 0.51
N GLY A 144 -12.61 -50.86 1.77
CA GLY A 144 -12.60 -49.49 2.22
C GLY A 144 -11.31 -48.75 2.01
N GLU A 145 -10.33 -49.40 1.36
CA GLU A 145 -9.04 -48.78 1.15
C GLU A 145 -9.17 -47.51 0.32
N LYS A 146 -8.54 -46.43 0.80
CA LYS A 146 -8.56 -45.18 0.08
C LYS A 146 -7.67 -45.25 -1.15
N THR A 147 -8.10 -44.60 -2.23
CA THR A 147 -7.39 -44.66 -3.50
C THR A 147 -6.97 -43.29 -4.03
N VAL A 148 -7.23 -42.22 -3.29
CA VAL A 148 -6.87 -40.87 -3.70
C VAL A 148 -6.06 -40.23 -2.58
N PHE A 149 -4.92 -39.64 -2.93
CA PHE A 149 -4.03 -39.01 -1.97
C PHE A 149 -3.61 -37.64 -2.48
N ARG A 150 -3.24 -36.77 -1.54
CA ARG A 150 -2.70 -35.46 -1.86
C ARG A 150 -1.48 -35.19 -1.00
N ALA A 151 -0.46 -34.59 -1.60
CA ALA A 151 0.79 -34.30 -0.93
C ALA A 151 0.91 -32.80 -0.70
N ARG A 152 1.25 -32.42 0.52
CA ARG A 152 1.36 -31.02 0.91
C ARG A 152 2.84 -30.66 1.03
N PHE A 153 3.29 -29.70 0.23
CA PHE A 153 4.69 -29.33 0.20
C PHE A 153 4.81 -27.85 -0.15
N SER A 154 5.96 -27.28 0.16
CA SER A 154 6.22 -25.88 -0.17
C SER A 154 7.52 -25.74 -0.96
N SER A 155 8.52 -26.53 -0.62
CA SER A 155 9.83 -26.45 -1.25
C SER A 155 10.09 -27.71 -2.07
N ILE A 156 11.18 -27.67 -2.83
CA ILE A 156 11.54 -28.77 -3.72
C ILE A 156 12.87 -29.31 -3.23
N THR A 157 13.07 -29.27 -1.92
CA THR A 157 14.25 -29.86 -1.31
C THR A 157 14.01 -31.34 -1.01
N ASP A 158 15.11 -32.09 -0.91
CA ASP A 158 15.03 -33.54 -0.84
C ASP A 158 14.25 -34.00 0.38
N THR A 159 14.64 -33.54 1.57
CA THR A 159 14.00 -34.02 2.78
C THR A 159 12.58 -33.49 2.90
N ASP A 160 12.31 -32.27 2.42
CA ASP A 160 10.95 -31.75 2.45
C ASP A 160 10.03 -32.59 1.58
N ILE A 161 10.47 -32.92 0.37
CA ILE A 161 9.65 -33.75 -0.51
C ILE A 161 9.46 -35.14 0.10
N CYS A 162 10.52 -35.72 0.67
CA CYS A 162 10.40 -37.06 1.24
C CYS A 162 9.43 -37.08 2.41
N ASN A 163 9.51 -36.10 3.31
CA ASN A 163 8.58 -36.11 4.45
C ASN A 163 7.16 -35.78 4.00
N ALA A 164 7.00 -34.91 2.99
CA ALA A 164 5.67 -34.65 2.46
C ALA A 164 5.06 -35.91 1.86
N MET A 165 5.86 -36.70 1.16
CA MET A 165 5.39 -37.99 0.66
C MET A 165 5.05 -38.91 1.82
N ALA A 166 5.84 -38.85 2.90
CA ALA A 166 5.57 -39.70 4.06
C ALA A 166 4.22 -39.39 4.69
N CYS A 167 3.89 -38.11 4.83
CA CYS A 167 2.62 -37.70 5.43
C CYS A 167 1.69 -37.18 4.33
N LEU A 168 0.78 -38.04 3.88
CA LEU A 168 -0.17 -37.71 2.83
C LEU A 168 -1.54 -37.40 3.42
N GLY A 169 -2.41 -36.83 2.58
CA GLY A 169 -3.72 -36.45 3.04
C GLY A 169 -4.83 -36.67 2.04
N GLU A 170 -5.88 -35.84 2.12
CA GLU A 170 -7.05 -35.94 1.26
C GLU A 170 -7.39 -34.57 0.72
N PRO A 171 -7.80 -34.47 -0.54
CA PRO A 171 -8.12 -33.15 -1.11
C PRO A 171 -9.34 -32.53 -0.46
N ASP A 172 -9.39 -31.20 -0.46
CA ASP A 172 -10.48 -30.44 0.11
C ASP A 172 -11.44 -30.05 -1.01
N HIS A 173 -12.68 -30.52 -0.92
CA HIS A 173 -13.65 -30.30 -1.99
C HIS A 173 -14.23 -28.90 -1.93
N ASN A 174 -14.28 -28.32 -0.74
CA ASN A 174 -14.84 -26.98 -0.57
C ASN A 174 -14.00 -25.93 -1.25
N GLU A 175 -12.68 -26.09 -1.26
CA GLU A 175 -11.83 -25.11 -1.95
C GLU A 175 -12.05 -25.16 -3.45
N ALA A 176 -12.22 -26.36 -4.01
CA ALA A 176 -12.56 -26.47 -5.42
C ALA A 176 -13.89 -25.80 -5.71
N LEU A 177 -14.87 -25.98 -4.82
CA LEU A 177 -16.14 -25.29 -5.00
C LEU A 177 -15.98 -23.77 -4.92
N SER A 178 -15.11 -23.29 -4.04
CA SER A 178 -14.86 -21.86 -3.95
C SER A 178 -14.28 -21.33 -5.26
N VAL A 179 -13.32 -22.05 -5.82
CA VAL A 179 -12.73 -21.62 -7.09
C VAL A 179 -13.78 -21.63 -8.20
N ASP A 180 -14.64 -22.67 -8.23
CA ASP A 180 -15.66 -22.74 -9.26
C ASP A 180 -16.67 -21.60 -9.13
N ALA A 181 -17.06 -21.27 -7.90
CA ALA A 181 -17.98 -20.16 -7.69
C ALA A 181 -17.34 -18.85 -8.13
N ARG A 182 -16.06 -18.65 -7.81
CA ARG A 182 -15.37 -17.45 -8.26
C ARG A 182 -15.34 -17.36 -9.79
N GLN A 183 -15.07 -18.49 -10.44
CA GLN A 183 -15.02 -18.50 -11.90
C GLN A 183 -16.38 -18.16 -12.50
N GLU A 184 -17.45 -18.75 -11.97
CA GLU A 184 -18.78 -18.45 -12.49
C GLU A 184 -19.14 -16.98 -12.28
N LEU A 185 -18.86 -16.44 -11.09
CA LEU A 185 -19.13 -15.04 -10.82
C LEU A 185 -18.41 -14.14 -11.81
N ASP A 186 -17.08 -14.34 -11.93
CA ASP A 186 -16.29 -13.48 -12.80
C ASP A 186 -16.76 -13.58 -14.24
N LEU A 187 -16.95 -14.80 -14.73
CA LEU A 187 -17.37 -14.98 -16.11
C LEU A 187 -18.69 -14.29 -16.38
N ARG A 188 -19.72 -14.59 -15.57
CA ARG A 188 -21.04 -14.05 -15.84
C ARG A 188 -21.04 -12.53 -15.77
N ILE A 189 -20.52 -11.97 -14.67
CA ILE A 189 -20.58 -10.52 -14.49
C ILE A 189 -19.78 -9.81 -15.57
N GLY A 190 -18.52 -10.23 -15.77
CA GLY A 190 -17.68 -9.54 -16.72
C GLY A 190 -18.19 -9.63 -18.14
N CYS A 191 -18.62 -10.83 -18.54
CA CYS A 191 -19.06 -11.01 -19.95
C CYS A 191 -20.40 -10.30 -20.18
N ALA A 192 -21.28 -10.25 -19.19
CA ALA A 192 -22.53 -9.51 -19.35
C ALA A 192 -22.27 -8.02 -19.50
N PHE A 193 -21.49 -7.45 -18.58
CA PHE A 193 -21.25 -6.01 -18.62
C PHE A 193 -20.47 -5.61 -19.87
N THR A 194 -19.44 -6.38 -20.24
CA THR A 194 -18.66 -6.05 -21.42
C THR A 194 -19.50 -6.15 -22.69
N ARG A 195 -20.31 -7.19 -22.81
CA ARG A 195 -21.17 -7.31 -23.98
C ARG A 195 -22.11 -6.12 -24.08
N PHE A 196 -22.75 -5.74 -22.97
CA PHE A 196 -23.68 -4.62 -23.01
C PHE A 196 -22.97 -3.32 -23.40
N GLN A 197 -21.86 -3.01 -22.74
CA GLN A 197 -21.17 -1.76 -23.00
C GLN A 197 -20.64 -1.70 -24.43
N THR A 198 -20.06 -2.80 -24.92
CA THR A 198 -19.53 -2.82 -26.27
C THR A 198 -20.63 -2.69 -27.30
N LYS A 199 -21.76 -3.39 -27.10
CA LYS A 199 -22.83 -3.28 -28.07
C LYS A 199 -23.51 -1.93 -28.01
N TYR A 200 -23.46 -1.25 -26.88
CA TYR A 200 -24.09 0.06 -26.77
C TYR A 200 -23.22 1.17 -27.35
N PHE A 201 -21.98 1.27 -26.89
CA PHE A 201 -21.11 2.38 -27.31
C PHE A 201 -20.80 2.30 -28.80
N GLN A 202 -20.56 1.11 -29.31
CA GLN A 202 -20.25 0.97 -30.74
C GLN A 202 -21.43 1.34 -31.62
N GLY A 203 -22.63 1.39 -31.07
CA GLY A 203 -23.81 1.75 -31.82
C GLY A 203 -24.18 3.21 -31.82
N LYS A 204 -23.46 4.03 -31.08
CA LYS A 204 -23.78 5.45 -31.02
C LYS A 204 -22.61 6.36 -31.37
N TYR A 205 -21.40 6.00 -30.98
CA TYR A 205 -20.22 6.81 -31.23
C TYR A 205 -19.30 6.09 -32.20
N GLY A 206 -18.91 6.78 -33.27
CA GLY A 206 -18.08 6.17 -34.29
C GLY A 206 -16.61 6.07 -33.92
N ASP A 207 -16.14 6.90 -32.99
CA ASP A 207 -14.74 6.83 -32.58
C ASP A 207 -14.43 5.61 -31.73
N LEU A 208 -15.45 4.86 -31.31
CA LEU A 208 -15.28 3.62 -30.56
C LEU A 208 -15.76 2.42 -31.34
N ASP A 209 -15.66 2.47 -32.67
CA ASP A 209 -16.24 1.42 -33.51
C ASP A 209 -15.52 0.09 -33.29
N SER A 210 -14.20 0.10 -33.35
CA SER A 210 -13.40 -1.11 -33.18
C SER A 210 -12.93 -1.33 -31.76
N SER A 211 -13.32 -0.46 -30.83
CA SER A 211 -12.88 -0.58 -29.45
C SER A 211 -13.67 -1.68 -28.73
N LEU A 212 -13.14 -2.08 -27.56
CA LEU A 212 -13.79 -3.09 -26.72
C LEU A 212 -13.88 -2.52 -25.31
N ILE A 213 -15.03 -1.97 -24.97
CA ILE A 213 -15.28 -1.43 -23.64
C ILE A 213 -15.57 -2.61 -22.71
N SER A 214 -14.64 -2.89 -21.80
CA SER A 214 -14.70 -4.09 -20.98
C SER A 214 -14.79 -3.72 -19.51
N PHE A 215 -15.70 -4.38 -18.79
CA PHE A 215 -15.84 -4.24 -17.36
C PHE A 215 -15.46 -5.56 -16.70
N GLY A 216 -14.80 -5.47 -15.55
CA GLY A 216 -14.41 -6.65 -14.82
C GLY A 216 -14.24 -6.38 -13.35
N PRO A 217 -14.40 -7.42 -12.53
CA PRO A 217 -14.22 -7.25 -11.08
C PRO A 217 -12.78 -7.00 -10.66
N CYS A 218 -11.84 -6.94 -11.60
CA CYS A 218 -10.44 -6.70 -11.27
C CYS A 218 -9.78 -5.60 -12.08
N GLN A 219 -10.28 -5.25 -13.26
CA GLN A 219 -9.69 -4.18 -14.05
C GLN A 219 -10.40 -2.84 -13.87
N THR A 220 -11.71 -2.86 -13.57
CA THR A 220 -12.40 -1.61 -13.30
C THR A 220 -11.86 -0.90 -12.06
N PRO A 221 -11.64 -1.57 -10.91
CA PRO A 221 -10.96 -0.87 -9.81
C PRO A 221 -9.55 -0.44 -10.13
N THR A 222 -8.83 -1.21 -10.95
CA THR A 222 -7.49 -0.80 -11.37
C THR A 222 -7.54 0.51 -12.13
N LEU A 223 -8.51 0.65 -13.04
CA LEU A 223 -8.69 1.91 -13.74
C LEU A 223 -9.17 3.00 -12.78
N GLY A 224 -9.97 2.62 -11.79
CA GLY A 224 -10.48 3.60 -10.84
C GLY A 224 -9.38 4.23 -10.00
N PHE A 225 -8.35 3.45 -9.67
CA PHE A 225 -7.22 4.00 -8.93
C PHE A 225 -6.55 5.13 -9.71
N CYS A 226 -6.26 4.88 -10.99
CA CYS A 226 -5.62 5.90 -11.82
C CYS A 226 -6.53 7.09 -12.02
N VAL A 227 -7.83 6.86 -12.19
CA VAL A 227 -8.76 7.96 -12.37
C VAL A 227 -8.85 8.81 -11.10
N GLU A 228 -8.79 8.17 -9.93
CA GLU A 228 -8.81 8.91 -8.68
C GLU A 228 -7.54 9.75 -8.53
N ARG A 229 -6.40 9.18 -8.92
CA ARG A 229 -5.16 9.97 -8.89
C ARG A 229 -5.24 11.16 -9.84
N HIS A 230 -5.82 10.95 -11.02
CA HIS A 230 -5.98 12.06 -11.96
C HIS A 230 -6.92 13.12 -11.41
N ASP A 231 -7.97 12.70 -10.69
CA ASP A 231 -8.87 13.65 -10.06
C ASP A 231 -8.13 14.48 -9.00
N LYS A 232 -7.28 13.82 -8.20
CA LYS A 232 -6.47 14.57 -7.24
C LYS A 232 -5.56 15.56 -7.94
N ILE A 233 -4.97 15.16 -9.05
CA ILE A 233 -4.08 16.06 -9.79
C ILE A 233 -4.85 17.26 -10.32
N GLN A 234 -6.03 17.03 -10.89
CA GLN A 234 -6.81 18.10 -11.50
C GLN A 234 -7.55 18.95 -10.48
N SER A 235 -7.66 18.51 -9.23
CA SER A 235 -8.38 19.29 -8.23
C SER A 235 -7.45 19.67 -7.09
N PHE A 236 -6.25 20.13 -7.42
CA PHE A 236 -5.23 20.49 -6.43
C PHE A 236 -4.96 21.97 -6.50
N LYS A 237 -5.09 22.66 -5.37
CA LYS A 237 -4.81 24.09 -5.30
C LYS A 237 -3.52 24.30 -4.53
N PRO A 238 -2.45 24.78 -5.17
CA PRO A 238 -1.18 24.95 -4.46
C PRO A 238 -1.28 26.00 -3.36
N GLU A 239 -0.53 25.75 -2.29
CA GLU A 239 -0.48 26.63 -1.13
C GLU A 239 0.95 27.11 -0.91
N THR A 240 1.09 28.34 -0.43
CA THR A 240 2.39 28.96 -0.25
C THR A 240 2.81 28.87 1.21
N TYR A 241 4.00 28.33 1.45
CA TYR A 241 4.54 28.22 2.80
C TYR A 241 5.98 28.72 2.82
N TRP A 242 6.39 29.19 3.99
CA TRP A 242 7.70 29.83 4.16
C TRP A 242 8.52 29.04 5.16
N VAL A 243 9.79 28.80 4.81
CA VAL A 243 10.72 28.05 5.64
C VAL A 243 11.94 28.92 5.91
N LEU A 244 12.35 28.99 7.17
CA LEU A 244 13.55 29.73 7.54
C LEU A 244 14.76 28.79 7.56
N GLN A 245 15.80 29.17 6.83
CA GLN A 245 17.08 28.47 6.87
C GLN A 245 18.13 29.40 7.46
N ALA A 246 18.88 28.88 8.41
CA ALA A 246 19.98 29.61 9.03
C ALA A 246 21.28 28.92 8.66
N LYS A 247 22.23 29.69 8.15
CA LYS A 247 23.53 29.16 7.77
C LYS A 247 24.56 29.62 8.80
N VAL A 248 25.23 28.66 9.43
CA VAL A 248 26.21 28.94 10.46
C VAL A 248 27.57 28.52 9.94
N ASN A 249 28.64 29.06 10.53
CA ASN A 249 29.97 28.60 10.18
C ASN A 249 30.79 28.33 11.44
N THR A 250 31.57 27.25 11.41
CA THR A 250 32.25 26.75 12.59
C THR A 250 33.77 26.79 12.46
N ASP A 251 34.33 26.14 11.43
CA ASP A 251 35.78 25.98 11.30
C ASP A 251 36.39 27.00 10.36
N LYS A 252 35.69 28.10 10.08
CA LYS A 252 36.14 29.19 9.21
C LYS A 252 36.15 28.75 7.75
N ASP A 253 35.89 27.46 7.51
CA ASP A 253 35.78 26.92 6.16
C ASP A 253 34.42 26.27 5.91
N ARG A 254 34.01 25.35 6.76
CA ARG A 254 32.76 24.62 6.56
C ARG A 254 31.58 25.47 6.99
N SER A 255 30.54 25.52 6.16
CA SER A 255 29.31 26.21 6.46
C SER A 255 28.19 25.19 6.58
N LEU A 256 27.52 25.19 7.73
CA LEU A 256 26.44 24.26 8.01
C LEU A 256 25.11 24.92 7.68
N LEU A 257 24.28 24.21 6.92
CA LEU A 257 22.90 24.61 6.65
C LEU A 257 22.01 24.00 7.72
N LEU A 258 21.29 24.86 8.44
CA LEU A 258 20.49 24.43 9.58
C LEU A 258 19.02 24.38 9.17
N ASP A 259 18.35 23.28 9.52
CA ASP A 259 16.95 23.09 9.21
C ASP A 259 16.10 23.58 10.38
N TRP A 260 14.90 24.04 10.06
CA TRP A 260 14.00 24.61 11.06
C TRP A 260 13.14 23.51 11.68
N ASP A 261 13.03 23.52 13.01
CA ASP A 261 12.17 22.55 13.69
C ASP A 261 10.70 22.83 13.40
N ARG A 262 10.27 24.08 13.56
CA ARG A 262 8.91 24.48 13.26
C ARG A 262 8.74 24.71 11.76
N VAL A 263 8.96 23.63 11.00
CA VAL A 263 8.99 23.74 9.55
C VAL A 263 7.60 24.06 9.01
N ARG A 264 7.57 24.67 7.83
CA ARG A 264 6.35 24.89 7.04
C ARG A 264 5.36 25.79 7.79
N VAL A 265 5.77 27.04 7.97
CA VAL A 265 4.84 28.07 8.40
C VAL A 265 4.06 28.56 7.18
N PHE A 266 2.73 28.53 7.28
CA PHE A 266 1.86 28.81 6.15
C PHE A 266 1.27 30.22 6.18
N ASP A 267 1.78 31.11 7.02
CA ASP A 267 1.32 32.49 7.07
C ASP A 267 2.49 33.43 6.90
N ARG A 268 2.37 34.36 5.95
CA ARG A 268 3.46 35.26 5.64
C ARG A 268 3.81 36.15 6.83
N GLU A 269 2.80 36.63 7.54
CA GLU A 269 3.05 37.51 8.68
C GLU A 269 3.77 36.77 9.80
N ILE A 270 3.37 35.53 10.08
CA ILE A 270 4.04 34.75 11.12
C ILE A 270 5.48 34.46 10.72
N ALA A 271 5.70 34.10 9.45
CA ALA A 271 7.05 33.84 8.99
C ALA A 271 7.92 35.09 9.08
N GLN A 272 7.34 36.24 8.74
CA GLN A 272 8.08 37.49 8.85
C GLN A 272 8.41 37.80 10.30
N MET A 273 7.48 37.51 11.21
CA MET A 273 7.77 37.70 12.63
C MET A 273 8.94 36.84 13.07
N PHE A 274 8.95 35.58 12.64
CA PHE A 274 10.04 34.69 13.02
C PHE A 274 11.36 35.15 12.42
N LEU A 275 11.34 35.67 11.19
CA LEU A 275 12.57 36.17 10.57
C LEU A 275 13.08 37.40 11.32
N ASN A 276 12.21 38.36 11.60
CA ASN A 276 12.62 39.54 12.36
C ASN A 276 13.05 39.20 13.78
N MET A 277 12.60 38.07 14.29
CA MET A 277 12.95 37.65 15.64
C MET A 277 14.26 36.88 15.70
N THR A 278 14.84 36.54 14.56
CA THR A 278 16.00 35.68 14.48
C THR A 278 17.20 36.33 13.79
N LYS A 279 16.97 37.07 12.70
CA LYS A 279 18.09 37.53 11.87
C LYS A 279 18.93 38.59 12.54
N LEU A 280 18.42 39.26 13.56
CA LEU A 280 19.21 40.26 14.27
C LEU A 280 20.17 39.66 15.28
N GLU A 281 20.41 38.35 15.20
CA GLU A 281 21.30 37.66 16.13
C GLU A 281 22.52 37.15 15.37
N LYS A 282 23.70 37.35 15.98
CA LYS A 282 24.97 36.97 15.37
C LYS A 282 25.66 35.84 16.10
N GLU A 283 24.99 35.20 17.07
CA GLU A 283 25.56 34.07 17.79
C GLU A 283 24.50 33.00 17.97
N ALA A 284 24.90 31.75 17.79
CA ALA A 284 24.03 30.60 18.00
C ALA A 284 24.69 29.66 19.00
N GLN A 285 23.87 29.12 19.91
CA GLN A 285 24.37 28.20 20.93
C GLN A 285 24.03 26.76 20.54
N VAL A 286 24.75 25.83 21.16
CA VAL A 286 24.54 24.40 20.94
C VAL A 286 23.92 23.80 22.19
N GLU A 287 22.81 23.09 22.01
CA GLU A 287 22.07 22.50 23.12
C GLU A 287 22.17 20.98 23.15
N ALA A 288 21.81 20.30 22.07
CA ALA A 288 21.74 18.84 22.04
C ALA A 288 22.76 18.30 21.05
N THR A 289 23.49 17.27 21.47
CA THR A 289 24.48 16.59 20.63
C THR A 289 24.16 15.10 20.70
N SER A 290 23.28 14.64 19.82
CA SER A 290 22.84 13.26 19.80
C SER A 290 23.69 12.47 18.80
N ARG A 291 24.31 11.39 19.28
CA ARG A 291 25.16 10.53 18.46
C ARG A 291 24.67 9.10 18.69
N LYS A 292 23.69 8.69 17.90
CA LYS A 292 22.98 7.44 18.11
C LYS A 292 23.30 6.46 16.98
N GLU A 293 23.57 5.22 17.36
CA GLU A 293 23.88 4.16 16.41
C GLU A 293 22.61 3.45 15.98
N LYS A 294 22.39 3.37 14.67
CA LYS A 294 21.24 2.66 14.13
C LYS A 294 21.70 1.80 12.96
N ALA A 295 20.81 0.93 12.50
CA ALA A 295 21.11 0.02 11.41
C ALA A 295 19.98 0.03 10.39
N LYS A 296 20.33 0.21 9.12
CA LYS A 296 19.39 0.04 8.03
C LYS A 296 19.24 -1.45 7.75
N GLN A 297 18.00 -1.91 7.65
CA GLN A 297 17.70 -3.33 7.77
C GLN A 297 17.62 -3.98 6.39
N ARG A 298 18.14 -5.21 6.30
CA ARG A 298 18.30 -5.90 5.05
C ARG A 298 16.95 -6.32 4.47
N PRO A 299 16.88 -6.54 3.16
CA PRO A 299 15.60 -6.88 2.54
C PRO A 299 15.16 -8.29 2.86
N LEU A 300 13.87 -8.54 2.64
CA LEU A 300 13.30 -9.88 2.75
C LEU A 300 13.65 -10.69 1.51
N ALA A 301 13.06 -11.88 1.39
CA ALA A 301 13.17 -12.63 0.16
C ALA A 301 12.35 -11.94 -0.93
N LEU A 302 12.63 -12.32 -2.18
CA LEU A 302 12.03 -11.65 -3.33
C LEU A 302 10.77 -12.41 -3.76
N ASN A 303 9.62 -11.75 -3.64
CA ASN A 303 8.37 -12.25 -4.19
C ASN A 303 8.08 -11.56 -5.52
N THR A 304 7.08 -12.07 -6.23
CA THR A 304 6.79 -11.58 -7.57
C THR A 304 6.35 -10.13 -7.55
N VAL A 305 5.60 -9.72 -6.51
CA VAL A 305 5.12 -8.35 -6.44
C VAL A 305 6.30 -7.39 -6.29
N GLU A 306 7.23 -7.71 -5.38
CA GLU A 306 8.40 -6.85 -5.21
C GLU A 306 9.27 -6.85 -6.45
N MET A 307 9.43 -8.01 -7.11
CA MET A 307 10.23 -8.06 -8.32
C MET A 307 9.62 -7.19 -9.41
N LEU A 308 8.29 -7.26 -9.57
CA LEU A 308 7.62 -6.41 -10.56
C LEU A 308 7.75 -4.94 -10.21
N ARG A 309 7.63 -4.60 -8.93
CA ARG A 309 7.78 -3.22 -8.51
C ARG A 309 9.16 -2.68 -8.85
N VAL A 310 10.20 -3.44 -8.52
CA VAL A 310 11.57 -2.98 -8.78
C VAL A 310 11.84 -2.95 -10.28
N ALA A 311 11.32 -3.92 -11.03
CA ALA A 311 11.50 -3.91 -12.47
C ALA A 311 10.84 -2.69 -13.10
N SER A 312 9.66 -2.32 -12.63
CA SER A 312 8.99 -1.14 -13.17
C SER A 312 9.67 0.14 -12.74
N SER A 313 10.24 0.19 -11.54
CA SER A 313 10.84 1.43 -11.04
C SER A 313 12.25 1.63 -11.58
N SER A 314 13.16 0.71 -11.26
CA SER A 314 14.57 0.90 -11.59
C SER A 314 14.96 0.27 -12.93
N LEU A 315 14.46 -0.93 -13.22
CA LEU A 315 14.86 -1.63 -14.43
C LEU A 315 14.15 -1.12 -15.68
N GLY A 316 13.10 -0.33 -15.54
CA GLY A 316 12.39 0.19 -16.69
C GLY A 316 11.67 -0.86 -17.52
N MET A 317 10.98 -1.80 -16.86
CA MET A 317 10.24 -2.84 -17.54
C MET A 317 8.76 -2.72 -17.19
N GLY A 318 7.90 -3.12 -18.12
CA GLY A 318 6.51 -3.27 -17.82
C GLY A 318 6.29 -4.53 -17.02
N PRO A 319 5.15 -4.64 -16.32
CA PRO A 319 4.89 -5.86 -15.55
C PRO A 319 4.82 -7.11 -16.42
N GLN A 320 4.15 -7.04 -17.58
CA GLN A 320 4.06 -8.22 -18.43
C GLN A 320 5.41 -8.56 -19.05
N HIS A 321 6.19 -7.55 -19.43
CA HIS A 321 7.53 -7.82 -19.96
C HIS A 321 8.42 -8.45 -18.89
N ALA A 322 8.33 -7.97 -17.65
CA ALA A 322 9.10 -8.57 -16.57
C ALA A 322 8.66 -10.00 -16.32
N MET A 323 7.36 -10.27 -16.37
CA MET A 323 6.88 -11.64 -16.20
C MET A 323 7.39 -12.55 -17.30
N GLN A 324 7.37 -12.07 -18.55
CA GLN A 324 7.87 -12.87 -19.66
C GLN A 324 9.36 -13.15 -19.52
N THR A 325 10.15 -12.13 -19.14
CA THR A 325 11.57 -12.33 -18.94
C THR A 325 11.85 -13.33 -17.82
N ALA A 326 11.12 -13.20 -16.70
CA ALA A 326 11.30 -14.12 -15.60
C ALA A 326 10.90 -15.55 -15.99
N GLU A 327 9.84 -15.69 -16.78
CA GLU A 327 9.43 -17.01 -17.25
C GLU A 327 10.49 -17.61 -18.16
N ARG A 328 11.07 -16.81 -19.04
CA ARG A 328 12.16 -17.31 -19.89
C ARG A 328 13.34 -17.76 -19.06
N LEU A 329 13.71 -16.96 -18.05
CA LEU A 329 14.81 -17.34 -17.18
C LEU A 329 14.52 -18.64 -16.44
N TYR A 330 13.29 -18.78 -15.93
CA TYR A 330 12.93 -19.98 -15.18
C TYR A 330 12.94 -21.21 -16.07
N THR A 331 12.41 -21.10 -17.30
CA THR A 331 12.43 -22.22 -18.22
C THR A 331 13.87 -22.60 -18.60
N GLN A 332 14.72 -21.61 -18.82
CA GLN A 332 16.12 -21.90 -19.11
C GLN A 332 16.88 -22.40 -17.91
N GLY A 333 16.30 -22.35 -16.71
CA GLY A 333 16.91 -22.94 -15.53
C GLY A 333 17.80 -22.02 -14.73
N TYR A 334 17.70 -20.70 -14.90
CA TYR A 334 18.55 -19.78 -14.16
C TYR A 334 17.88 -19.23 -12.91
N ILE A 335 16.56 -19.21 -12.86
CA ILE A 335 15.80 -18.60 -11.77
C ILE A 335 14.75 -19.58 -11.29
N SER A 336 14.43 -19.51 -10.00
CA SER A 336 13.35 -20.30 -9.44
C SER A 336 12.01 -19.78 -9.95
N PHE A 337 10.93 -20.35 -9.42
CA PHE A 337 9.60 -20.03 -9.92
C PHE A 337 9.31 -18.55 -9.70
N PRO A 338 8.94 -17.80 -10.73
CA PRO A 338 8.78 -16.34 -10.59
C PRO A 338 7.39 -15.88 -10.19
N ARG A 339 6.45 -16.78 -9.93
CA ARG A 339 5.10 -16.42 -9.51
C ARG A 339 4.89 -16.77 -8.05
N THR A 340 5.97 -16.74 -7.28
CA THR A 340 5.91 -17.08 -5.86
C THR A 340 5.25 -15.96 -5.09
N GLU A 341 4.68 -16.31 -3.94
CA GLU A 341 3.91 -15.39 -3.12
C GLU A 341 4.49 -15.29 -1.71
N THR A 342 5.69 -15.83 -1.50
CA THR A 342 6.26 -16.06 -0.18
C THR A 342 7.51 -15.19 -0.01
N THR A 343 7.60 -14.53 1.13
CA THR A 343 8.79 -13.77 1.50
C THR A 343 9.67 -14.50 2.50
N HIS A 344 9.38 -15.77 2.77
CA HIS A 344 10.08 -16.55 3.78
C HIS A 344 10.82 -17.70 3.11
N TYR A 345 12.11 -17.82 3.40
CA TYR A 345 12.88 -18.96 2.92
C TYR A 345 12.43 -20.22 3.66
N PRO A 346 12.48 -21.36 2.99
CA PRO A 346 12.20 -22.62 3.69
C PRO A 346 13.21 -22.85 4.81
N GLU A 347 12.76 -23.52 5.87
CA GLU A 347 13.63 -23.81 6.99
C GLU A 347 14.81 -24.69 6.59
N ASN A 348 14.70 -25.39 5.46
CA ASN A 348 15.73 -26.30 4.94
C ASN A 348 16.08 -25.94 3.50
N PHE A 349 16.95 -24.96 3.34
CA PHE A 349 17.33 -24.44 2.03
C PHE A 349 18.84 -24.36 1.92
N ASP A 350 19.33 -24.58 0.71
CA ASP A 350 20.77 -24.58 0.44
C ASP A 350 21.25 -23.17 0.09
N LEU A 351 21.11 -22.27 1.06
CA LEU A 351 21.54 -20.89 0.87
C LEU A 351 23.04 -20.81 0.62
N LYS A 352 23.81 -21.58 1.39
CA LYS A 352 25.26 -21.58 1.23
C LYS A 352 25.65 -22.08 -0.16
N GLY A 353 24.98 -23.13 -0.65
CA GLY A 353 25.28 -23.63 -1.98
C GLY A 353 24.92 -22.64 -3.06
N SER A 354 23.77 -21.97 -2.92
CA SER A 354 23.36 -20.98 -3.92
C SER A 354 24.34 -19.82 -3.96
N LEU A 355 24.84 -19.38 -2.80
CA LEU A 355 25.89 -18.35 -2.80
C LEU A 355 27.17 -18.88 -3.43
N ARG A 356 27.55 -20.12 -3.12
CA ARG A 356 28.77 -20.69 -3.66
C ARG A 356 28.72 -20.80 -5.18
N GLN A 357 27.53 -20.96 -5.73
CA GLN A 357 27.40 -20.98 -7.19
C GLN A 357 27.66 -19.62 -7.82
N GLN A 358 27.63 -18.55 -7.02
CA GLN A 358 27.87 -17.19 -7.50
C GLN A 358 29.23 -16.67 -7.07
N ALA A 359 30.18 -17.56 -6.84
CA ALA A 359 31.50 -17.18 -6.32
C ALA A 359 32.51 -16.89 -7.40
N ASN A 360 32.12 -16.92 -8.67
CA ASN A 360 33.04 -16.66 -9.77
C ASN A 360 32.46 -15.65 -10.74
N HIS A 361 31.82 -14.61 -10.21
CA HIS A 361 31.29 -13.51 -11.02
C HIS A 361 31.97 -12.22 -10.58
N PRO A 362 32.63 -11.49 -11.48
CA PRO A 362 33.47 -10.38 -11.05
C PRO A 362 32.73 -9.27 -10.31
N TYR A 363 31.43 -9.12 -10.52
CA TYR A 363 30.70 -8.03 -9.89
C TYR A 363 30.64 -8.19 -8.37
N TRP A 364 30.48 -9.43 -7.89
CA TRP A 364 30.31 -9.66 -6.46
C TRP A 364 31.11 -10.85 -5.95
N ALA A 365 32.19 -11.24 -6.65
CA ALA A 365 32.98 -12.38 -6.21
C ALA A 365 33.61 -12.12 -4.85
N ASP A 366 34.17 -10.93 -4.65
CA ASP A 366 34.79 -10.61 -3.37
C ASP A 366 33.77 -10.61 -2.24
N THR A 367 32.61 -10.01 -2.49
CA THR A 367 31.58 -9.97 -1.45
C THR A 367 31.10 -11.37 -1.09
N VAL A 368 30.87 -12.21 -2.10
CA VAL A 368 30.42 -13.57 -1.84
C VAL A 368 31.49 -14.35 -1.06
N LYS A 369 32.76 -14.19 -1.45
CA LYS A 369 33.82 -14.92 -0.77
C LYS A 369 33.95 -14.48 0.69
N ARG A 370 33.90 -13.17 0.95
CA ARG A 370 33.98 -12.71 2.33
C ARG A 370 32.78 -13.17 3.14
N LEU A 371 31.59 -13.16 2.53
CA LEU A 371 30.39 -13.60 3.24
C LEU A 371 30.48 -15.08 3.58
N LEU A 372 30.96 -15.89 2.64
CA LEU A 372 31.11 -17.32 2.92
C LEU A 372 32.19 -17.57 3.97
N ALA A 373 33.25 -16.78 3.97
CA ALA A 373 34.29 -16.93 4.98
C ALA A 373 33.78 -16.59 6.37
N GLU A 374 33.10 -15.46 6.51
CA GLU A 374 32.64 -15.03 7.82
C GLU A 374 31.32 -15.67 8.24
N GLY A 375 30.70 -16.45 7.36
CA GLY A 375 29.44 -17.08 7.70
C GLY A 375 28.25 -16.22 7.31
N ILE A 376 27.25 -16.84 6.70
CA ILE A 376 26.09 -16.09 6.25
C ILE A 376 25.26 -15.64 7.44
N ASN A 377 24.61 -14.49 7.31
CA ASN A 377 23.65 -14.03 8.30
C ASN A 377 22.28 -14.61 7.98
N ARG A 378 21.57 -15.05 9.02
CA ARG A 378 20.29 -15.69 8.81
C ARG A 378 19.32 -14.73 8.15
N PRO A 379 18.56 -15.18 7.16
CA PRO A 379 17.61 -14.28 6.50
C PRO A 379 16.49 -13.86 7.43
N ARG A 380 15.93 -12.69 7.15
CA ARG A 380 14.85 -12.16 7.97
C ARG A 380 13.61 -13.04 7.88
N LYS A 381 12.92 -13.19 9.00
CA LYS A 381 11.69 -13.97 9.02
C LYS A 381 10.58 -13.18 8.33
N GLY A 382 9.88 -13.85 7.42
CA GLY A 382 8.82 -13.20 6.67
C GLY A 382 7.48 -13.92 6.76
N HIS A 383 6.78 -14.02 5.64
CA HIS A 383 5.47 -14.62 5.58
C HIS A 383 5.55 -15.86 4.70
N ASP A 384 5.13 -17.00 5.24
CA ASP A 384 5.11 -18.27 4.51
C ASP A 384 3.67 -18.56 4.11
N ALA A 385 3.35 -18.29 2.85
CA ALA A 385 2.01 -18.50 2.34
C ALA A 385 1.78 -19.90 1.82
N GLY A 386 2.80 -20.76 1.88
CA GLY A 386 2.66 -22.12 1.39
C GLY A 386 2.34 -22.20 -0.09
N ASP A 387 2.89 -21.28 -0.88
CA ASP A 387 2.64 -21.26 -2.31
C ASP A 387 3.83 -21.76 -3.10
N HIS A 388 4.99 -21.13 -2.95
CA HIS A 388 6.21 -21.51 -3.65
C HIS A 388 7.39 -20.91 -2.89
N PRO A 389 8.59 -21.48 -3.04
CA PRO A 389 9.77 -20.84 -2.47
C PRO A 389 10.05 -19.53 -3.17
N PRO A 390 10.63 -18.56 -2.48
CA PRO A 390 10.86 -17.24 -3.09
C PRO A 390 11.84 -17.31 -4.25
N ILE A 391 11.77 -16.28 -5.09
CA ILE A 391 12.59 -16.19 -6.30
C ILE A 391 14.06 -16.13 -5.92
N THR A 392 14.82 -17.15 -6.29
CA THR A 392 16.24 -17.23 -5.99
C THR A 392 17.00 -17.69 -7.21
N PRO A 393 18.23 -17.22 -7.39
CA PRO A 393 19.05 -17.72 -8.49
C PRO A 393 19.41 -19.18 -8.29
N MET A 394 19.57 -19.89 -9.41
CA MET A 394 19.89 -21.30 -9.37
C MET A 394 21.07 -21.70 -10.24
N LYS A 395 21.59 -20.81 -11.07
CA LYS A 395 22.70 -21.14 -11.95
C LYS A 395 23.42 -19.85 -12.34
N SER A 396 24.74 -19.94 -12.44
CA SER A 396 25.54 -18.75 -12.75
C SER A 396 25.29 -18.29 -14.17
N ALA A 397 25.47 -16.99 -14.39
CA ALA A 397 25.23 -16.40 -15.71
C ALA A 397 26.18 -15.22 -15.90
N THR A 398 26.18 -14.71 -17.13
CA THR A 398 27.06 -13.61 -17.51
C THR A 398 26.39 -12.87 -18.64
N GLU A 399 26.79 -11.61 -18.85
CA GLU A 399 26.21 -10.81 -19.92
C GLU A 399 26.36 -11.49 -21.27
N ALA A 400 27.44 -12.24 -21.48
CA ALA A 400 27.62 -12.96 -22.72
C ALA A 400 26.62 -14.09 -22.91
N GLU A 401 25.97 -14.53 -21.82
CA GLU A 401 25.01 -15.62 -21.91
C GLU A 401 23.59 -15.11 -22.13
N LEU A 402 23.08 -14.31 -21.19
CA LEU A 402 21.69 -13.86 -21.28
C LEU A 402 21.54 -12.64 -22.18
N GLY A 403 22.15 -11.52 -21.82
CA GLY A 403 22.11 -10.34 -22.64
C GLY A 403 20.87 -9.49 -22.44
N GLY A 404 21.07 -8.21 -22.12
CA GLY A 404 19.97 -7.26 -22.12
C GLY A 404 19.05 -7.41 -20.94
N ASP A 405 17.75 -7.50 -21.22
CA ASP A 405 16.75 -7.46 -20.17
C ASP A 405 16.83 -8.69 -19.26
N ALA A 406 17.05 -9.86 -19.84
CA ALA A 406 17.20 -11.07 -19.03
C ALA A 406 18.38 -10.94 -18.10
N TRP A 407 19.50 -10.42 -18.59
CA TRP A 407 20.67 -10.23 -17.73
C TRP A 407 20.38 -9.24 -16.62
N ARG A 408 19.68 -8.14 -16.93
CA ARG A 408 19.38 -7.16 -15.89
C ARG A 408 18.50 -7.75 -14.80
N LEU A 409 17.47 -8.49 -15.19
CA LEU A 409 16.60 -9.10 -14.18
C LEU A 409 17.35 -10.13 -13.35
N TYR A 410 18.19 -10.95 -14.00
CA TYR A 410 18.98 -11.94 -13.27
C TYR A 410 19.93 -11.25 -12.31
N GLU A 411 20.55 -10.16 -12.74
CA GLU A 411 21.47 -9.42 -11.87
C GLU A 411 20.75 -8.89 -10.64
N TYR A 412 19.56 -8.31 -10.84
CA TYR A 412 18.82 -7.82 -9.67
C TYR A 412 18.44 -8.96 -8.75
N ILE A 413 18.00 -10.09 -9.31
CA ILE A 413 17.57 -11.21 -8.48
C ILE A 413 18.73 -11.73 -7.64
N THR A 414 19.89 -11.92 -8.25
CA THR A 414 21.01 -12.47 -7.50
C THR A 414 21.59 -11.45 -6.52
N ARG A 415 21.56 -10.15 -6.86
CA ARG A 415 21.99 -9.14 -5.90
C ARG A 415 21.07 -9.10 -4.70
N HIS A 416 19.76 -9.22 -4.92
CA HIS A 416 18.81 -9.29 -3.82
C HIS A 416 19.07 -10.53 -2.97
N PHE A 417 19.37 -11.66 -3.61
CA PHE A 417 19.64 -12.88 -2.86
C PHE A 417 20.89 -12.75 -2.01
N ILE A 418 21.94 -12.13 -2.54
CA ILE A 418 23.15 -11.94 -1.76
C ILE A 418 22.89 -10.96 -0.61
N ALA A 419 22.06 -9.95 -0.86
CA ALA A 419 21.78 -8.95 0.17
C ALA A 419 20.97 -9.55 1.31
N THR A 420 20.00 -10.42 1.00
CA THR A 420 19.12 -10.93 2.04
C THR A 420 19.82 -11.86 3.01
N VAL A 421 21.05 -12.29 2.71
CA VAL A 421 21.84 -13.09 3.62
C VAL A 421 23.07 -12.33 4.12
N SER A 422 23.14 -11.03 3.86
CA SER A 422 24.26 -10.21 4.31
C SER A 422 23.89 -9.50 5.62
N HIS A 423 24.83 -8.71 6.13
CA HIS A 423 24.62 -7.99 7.37
C HIS A 423 23.87 -6.69 7.11
N ASP A 424 23.31 -6.13 8.18
CA ASP A 424 22.61 -4.87 8.09
C ASP A 424 23.60 -3.72 7.93
N CYS A 425 23.11 -2.61 7.37
CA CYS A 425 23.93 -1.42 7.17
C CYS A 425 23.88 -0.57 8.42
N LYS A 426 24.97 -0.54 9.18
CA LYS A 426 25.03 0.20 10.44
C LYS A 426 25.53 1.61 10.16
N TYR A 427 24.75 2.60 10.57
CA TYR A 427 25.11 3.99 10.33
C TYR A 427 24.80 4.82 11.56
N LEU A 428 25.74 5.68 11.91
CA LEU A 428 25.60 6.61 13.02
C LEU A 428 24.94 7.89 12.53
N GLN A 429 23.83 8.27 13.15
CA GLN A 429 23.14 9.51 12.82
C GLN A 429 23.43 10.54 13.90
N SER A 430 24.12 11.60 13.51
CA SER A 430 24.52 12.66 14.42
C SER A 430 23.65 13.88 14.18
N THR A 431 23.04 14.40 15.24
CA THR A 431 22.18 15.57 15.17
C THR A 431 22.68 16.60 16.17
N ILE A 432 22.81 17.85 15.71
CA ILE A 432 23.21 18.97 16.56
C ILE A 432 22.07 19.97 16.58
N SER A 433 21.67 20.38 17.78
CA SER A 433 20.58 21.33 17.97
C SER A 433 21.15 22.70 18.31
N PHE A 434 20.74 23.71 17.57
CA PHE A 434 21.19 25.08 17.77
C PHE A 434 20.05 25.96 18.24
N ARG A 435 20.38 26.91 19.10
CA ARG A 435 19.48 27.97 19.53
C ARG A 435 19.95 29.26 18.87
N ILE A 436 19.07 29.89 18.10
CA ILE A 436 19.32 31.20 17.53
C ILE A 436 18.22 32.12 18.05
N GLY A 437 18.61 33.10 18.87
CA GLY A 437 17.65 33.92 19.56
C GLY A 437 16.73 33.05 20.38
N PRO A 438 15.41 33.23 20.19
CA PRO A 438 14.43 32.35 20.84
C PRO A 438 13.94 31.18 20.00
N GLU A 439 14.58 30.90 18.86
CA GLU A 439 14.08 29.89 17.94
C GLU A 439 15.10 28.76 17.81
N LEU A 440 14.62 27.59 17.40
CA LEU A 440 15.40 26.36 17.39
C LEU A 440 15.76 25.97 15.95
N PHE A 441 16.87 25.26 15.81
CA PHE A 441 17.27 24.68 14.53
C PHE A 441 17.97 23.36 14.81
N THR A 442 17.99 22.49 13.80
CA THR A 442 18.63 21.19 13.91
C THR A 442 19.43 20.91 12.65
N CYS A 443 20.52 20.15 12.81
CA CYS A 443 21.34 19.71 11.70
C CYS A 443 21.63 18.23 11.87
N SER A 444 21.26 17.43 10.88
CA SER A 444 21.36 15.97 10.97
C SER A 444 22.24 15.43 9.85
N GLY A 445 22.98 14.38 10.15
CA GLY A 445 23.82 13.73 9.15
C GLY A 445 24.04 12.28 9.51
N LYS A 446 24.48 11.50 8.53
CA LYS A 446 24.69 10.08 8.69
C LYS A 446 26.08 9.69 8.22
N THR A 447 26.72 8.80 8.98
CA THR A 447 28.04 8.28 8.64
C THR A 447 28.02 6.76 8.78
N VAL A 448 28.44 6.07 7.73
CA VAL A 448 28.39 4.61 7.71
C VAL A 448 29.54 4.04 8.53
N LEU A 449 29.29 2.88 9.15
CA LEU A 449 30.32 2.13 9.84
C LEU A 449 30.48 0.71 9.30
N SER A 450 29.41 0.10 8.83
CA SER A 450 29.46 -1.21 8.19
C SER A 450 28.51 -1.24 7.00
N PRO A 451 29.03 -1.20 5.77
CA PRO A 451 28.13 -1.15 4.61
C PRO A 451 27.18 -2.34 4.50
N GLY A 452 27.63 -3.53 4.87
CA GLY A 452 26.77 -4.70 4.81
C GLY A 452 26.25 -4.94 3.42
N PHE A 453 24.92 -5.16 3.33
CA PHE A 453 24.30 -5.43 2.04
C PHE A 453 24.41 -4.25 1.08
N THR A 454 24.76 -3.06 1.60
CA THR A 454 25.04 -1.94 0.71
C THR A 454 26.12 -2.27 -0.30
N GLU A 455 27.05 -3.17 0.06
CA GLU A 455 28.10 -3.55 -0.88
C GLU A 455 27.55 -4.26 -2.10
N VAL A 456 26.40 -4.93 -1.98
CA VAL A 456 25.85 -5.71 -3.10
C VAL A 456 24.62 -5.07 -3.70
N MET A 457 24.05 -4.05 -3.07
CA MET A 457 22.95 -3.27 -3.65
C MET A 457 23.31 -1.79 -3.61
N PRO A 458 24.32 -1.38 -4.38
CA PRO A 458 24.68 0.05 -4.36
C PRO A 458 23.63 0.87 -5.06
N TRP A 459 22.78 1.49 -4.25
CA TRP A 459 21.61 2.28 -4.61
C TRP A 459 20.72 2.33 -3.39
N GLN A 460 20.81 1.30 -2.55
CA GLN A 460 20.32 1.40 -1.18
C GLN A 460 21.45 1.80 -0.24
N SER A 461 22.14 2.88 -0.60
CA SER A 461 23.36 3.30 0.06
C SER A 461 23.14 4.62 0.78
N VAL A 462 23.67 4.71 1.99
CA VAL A 462 23.60 5.98 2.72
C VAL A 462 24.51 7.00 2.03
N PRO A 463 23.99 8.17 1.67
CA PRO A 463 24.81 9.13 0.92
C PRO A 463 26.04 9.56 1.71
N LEU A 464 27.13 9.81 0.98
CA LEU A 464 28.37 10.26 1.59
C LEU A 464 28.29 11.77 1.80
N GLU A 465 28.20 12.18 3.06
CA GLU A 465 28.17 13.58 3.43
C GLU A 465 29.14 13.82 4.58
N GLU A 466 29.67 15.04 4.65
CA GLU A 466 30.71 15.37 5.62
C GLU A 466 30.18 15.21 7.04
N SER A 467 31.02 14.65 7.91
CA SER A 467 30.64 14.45 9.29
C SER A 467 30.42 15.77 10.00
N LEU A 468 29.44 15.81 10.88
CA LEU A 468 29.13 17.02 11.61
C LEU A 468 30.26 17.37 12.57
N PRO A 469 30.53 18.66 12.77
CA PRO A 469 31.65 19.06 13.60
C PRO A 469 31.46 18.65 15.06
N THR A 470 32.58 18.46 15.74
CA THR A 470 32.59 18.03 17.14
C THR A 470 32.40 19.26 18.02
N CYS A 471 31.15 19.62 18.26
CA CYS A 471 30.80 20.73 19.13
C CYS A 471 29.92 20.21 20.27
N GLN A 472 30.27 20.57 21.49
CA GLN A 472 29.57 20.11 22.67
C GLN A 472 28.55 21.16 23.12
N ARG A 473 27.82 20.84 24.18
CA ARG A 473 26.81 21.76 24.68
C ARG A 473 27.45 23.04 25.21
N GLY A 474 26.83 24.17 24.90
CA GLY A 474 27.32 25.46 25.33
C GLY A 474 28.27 26.14 24.38
N ASP A 475 28.72 25.45 23.34
CA ASP A 475 29.64 26.06 22.38
C ASP A 475 28.90 27.09 21.54
N ALA A 476 29.55 28.22 21.30
CA ALA A 476 28.98 29.33 20.54
C ALA A 476 29.54 29.34 19.13
N PHE A 477 28.69 29.64 18.16
CA PHE A 477 29.08 29.66 16.76
C PHE A 477 28.53 30.91 16.09
N PRO A 478 29.23 31.44 15.09
CA PRO A 478 28.72 32.60 14.35
C PRO A 478 27.85 32.20 13.15
N VAL A 479 26.66 32.79 13.08
CA VAL A 479 25.70 32.55 12.01
C VAL A 479 25.86 33.65 10.98
N GLY A 480 26.10 33.25 9.72
CA GLY A 480 26.27 34.22 8.66
C GLY A 480 24.99 34.95 8.33
N GLU A 481 24.00 34.22 7.80
CA GLU A 481 22.74 34.81 7.40
C GLU A 481 21.60 33.88 7.75
N VAL A 482 20.46 34.47 8.12
CA VAL A 482 19.22 33.75 8.32
C VAL A 482 18.22 34.26 7.30
N LYS A 483 17.74 33.38 6.43
CA LYS A 483 16.92 33.77 5.30
C LYS A 483 15.61 33.00 5.29
N MET A 484 14.56 33.65 4.78
CA MET A 484 13.25 33.06 4.64
C MET A 484 13.02 32.67 3.19
N LEU A 485 12.69 31.41 2.96
CA LEU A 485 12.49 30.88 1.61
C LEU A 485 11.01 30.65 1.37
N GLU A 486 10.52 31.14 0.23
CA GLU A 486 9.13 30.92 -0.16
C GLU A 486 9.05 29.67 -1.04
N LYS A 487 8.13 28.78 -0.70
CA LYS A 487 7.95 27.54 -1.44
C LYS A 487 6.47 27.29 -1.66
N GLN A 488 6.17 26.47 -2.67
CA GLN A 488 4.81 26.11 -3.03
C GLN A 488 4.63 24.60 -2.92
N THR A 489 3.42 24.19 -2.55
CA THR A 489 3.13 22.76 -2.44
C THR A 489 3.01 22.15 -3.82
N ASN A 490 3.90 21.22 -4.14
CA ASN A 490 3.88 20.58 -5.43
C ASN A 490 2.66 19.66 -5.56
N PRO A 491 2.09 19.54 -6.76
CA PRO A 491 0.95 18.64 -6.96
C PRO A 491 1.41 17.20 -7.11
N PRO A 492 0.60 16.24 -6.68
CA PRO A 492 0.96 14.83 -6.89
C PRO A 492 0.96 14.49 -8.37
N ASP A 493 1.73 13.46 -8.72
CA ASP A 493 1.88 13.03 -10.10
C ASP A 493 1.09 11.73 -10.30
N TYR A 494 0.95 11.34 -11.56
CA TYR A 494 0.13 10.19 -11.91
C TYR A 494 0.70 8.91 -11.29
N LEU A 495 -0.17 7.93 -11.12
CA LEU A 495 0.20 6.68 -10.47
C LEU A 495 1.30 5.98 -11.25
N THR A 496 2.34 5.57 -10.54
CA THR A 496 3.36 4.72 -11.13
C THR A 496 2.92 3.27 -11.10
N GLU A 497 3.57 2.44 -11.90
CA GLU A 497 3.25 1.02 -11.93
C GLU A 497 3.53 0.37 -10.58
N ALA A 498 4.61 0.79 -9.91
CA ALA A 498 4.93 0.25 -8.60
C ALA A 498 3.84 0.61 -7.59
N GLU A 499 3.38 1.86 -7.61
CA GLU A 499 2.33 2.26 -6.68
C GLU A 499 1.03 1.55 -6.98
N LEU A 500 0.70 1.36 -8.25
CA LEU A 500 -0.52 0.63 -8.59
C LEU A 500 -0.44 -0.81 -8.13
N ILE A 501 0.73 -1.45 -8.29
CA ILE A 501 0.89 -2.82 -7.82
C ILE A 501 0.75 -2.88 -6.31
N THR A 502 1.31 -1.90 -5.60
CA THR A 502 1.16 -1.85 -4.15
C THR A 502 -0.31 -1.72 -3.76
N LEU A 503 -1.05 -0.86 -4.47
CA LEU A 503 -2.46 -0.68 -4.16
C LEU A 503 -3.26 -1.96 -4.42
N MET A 504 -2.96 -2.65 -5.53
CA MET A 504 -3.62 -3.91 -5.83
C MET A 504 -3.33 -4.95 -4.76
N GLU A 505 -2.07 -5.03 -4.30
CA GLU A 505 -1.74 -5.95 -3.22
C GLU A 505 -2.50 -5.60 -1.95
N LYS A 506 -2.57 -4.30 -1.62
CA LYS A 506 -3.22 -3.88 -0.39
C LYS A 506 -4.70 -4.19 -0.41
N HIS A 507 -5.36 -3.97 -1.54
CA HIS A 507 -6.81 -4.12 -1.61
C HIS A 507 -7.25 -5.50 -2.08
N GLY A 508 -6.32 -6.42 -2.32
CA GLY A 508 -6.69 -7.75 -2.72
C GLY A 508 -7.14 -7.89 -4.16
N ILE A 509 -6.98 -6.85 -4.96
CA ILE A 509 -7.41 -6.88 -6.36
C ILE A 509 -6.31 -7.52 -7.19
N GLY A 510 -6.65 -8.59 -7.91
CA GLY A 510 -5.67 -9.34 -8.66
C GLY A 510 -4.89 -10.28 -7.76
N THR A 511 -4.06 -11.11 -8.41
CA THR A 511 -3.26 -12.10 -7.70
C THR A 511 -1.81 -11.96 -8.15
N ASP A 512 -0.97 -12.87 -7.65
CA ASP A 512 0.44 -12.88 -8.00
C ASP A 512 0.66 -13.14 -9.48
N ALA A 513 -0.26 -13.84 -10.13
CA ALA A 513 -0.14 -14.19 -11.54
C ALA A 513 -1.07 -13.37 -12.44
N SER A 514 -1.82 -12.42 -11.88
CA SER A 514 -2.79 -11.67 -12.65
C SER A 514 -2.55 -10.16 -12.64
N ILE A 515 -1.66 -9.66 -11.79
CA ILE A 515 -1.39 -8.21 -11.78
C ILE A 515 -0.80 -7.72 -13.09
N PRO A 516 0.23 -8.35 -13.66
CA PRO A 516 0.70 -7.90 -14.98
C PRO A 516 -0.37 -8.00 -16.05
N VAL A 517 -1.19 -9.05 -16.01
CA VAL A 517 -2.24 -9.20 -16.99
C VAL A 517 -3.24 -8.07 -16.90
N HIS A 518 -3.63 -7.69 -15.67
CA HIS A 518 -4.60 -6.62 -15.51
C HIS A 518 -4.03 -5.28 -15.93
N ILE A 519 -2.78 -4.99 -15.58
CA ILE A 519 -2.17 -3.73 -15.98
C ILE A 519 -2.06 -3.66 -17.51
N ASN A 520 -1.59 -4.74 -18.13
CA ASN A 520 -1.48 -4.75 -19.58
C ASN A 520 -2.85 -4.67 -20.24
N ASN A 521 -3.89 -5.23 -19.62
CA ASN A 521 -5.22 -5.16 -20.20
C ASN A 521 -5.75 -3.73 -20.16
N ILE A 522 -5.64 -3.06 -19.01
CA ILE A 522 -6.11 -1.68 -18.96
C ILE A 522 -5.26 -0.77 -19.82
N CYS A 523 -4.02 -1.16 -20.13
CA CYS A 523 -3.23 -0.39 -21.08
C CYS A 523 -3.66 -0.66 -22.52
N GLN A 524 -3.99 -1.91 -22.84
CA GLN A 524 -4.32 -2.30 -24.21
C GLN A 524 -5.72 -1.86 -24.62
N ARG A 525 -6.65 -1.81 -23.67
CA ARG A 525 -8.00 -1.31 -23.97
C ARG A 525 -8.05 0.20 -24.11
N ASN A 526 -6.90 0.86 -24.11
CA ASN A 526 -6.81 2.31 -24.28
C ASN A 526 -7.53 3.03 -23.15
N TYR A 527 -7.46 2.47 -21.94
CA TYR A 527 -7.95 3.16 -20.76
C TYR A 527 -6.89 4.05 -20.12
N VAL A 528 -5.64 3.59 -20.14
CA VAL A 528 -4.51 4.35 -19.60
C VAL A 528 -3.37 4.29 -20.60
N THR A 529 -2.46 5.25 -20.48
CA THR A 529 -1.27 5.33 -21.31
C THR A 529 -0.03 5.38 -20.44
N VAL A 530 1.04 4.72 -20.88
CA VAL A 530 2.28 4.66 -20.13
C VAL A 530 3.16 5.82 -20.58
N GLU A 531 3.34 6.81 -19.71
CA GLU A 531 4.16 7.97 -20.02
C GLU A 531 5.59 7.74 -19.54
N SER A 532 6.40 8.79 -19.56
CA SER A 532 7.76 8.69 -19.04
C SER A 532 7.74 8.41 -17.54
N GLY A 533 8.66 7.58 -17.10
CA GLY A 533 8.71 7.21 -15.70
C GLY A 533 7.73 6.14 -15.29
N ARG A 534 7.15 5.43 -16.24
CA ARG A 534 6.16 4.38 -15.98
C ARG A 534 4.97 4.93 -15.19
N ARG A 535 4.51 6.11 -15.57
CA ARG A 535 3.33 6.72 -14.99
C ARG A 535 2.12 6.43 -15.85
N LEU A 536 1.02 6.04 -15.21
CA LEU A 536 -0.20 5.64 -15.92
C LEU A 536 -1.14 6.84 -15.98
N LYS A 537 -1.21 7.47 -17.15
CA LYS A 537 -2.07 8.62 -17.36
C LYS A 537 -3.42 8.15 -17.87
N PRO A 538 -4.51 8.42 -17.16
CA PRO A 538 -5.83 8.01 -17.65
C PRO A 538 -6.20 8.75 -18.93
N THR A 539 -6.87 8.04 -19.83
CA THR A 539 -7.37 8.64 -21.04
C THR A 539 -8.81 9.13 -20.82
N ASN A 540 -9.35 9.81 -21.84
CA ASN A 540 -10.72 10.29 -21.74
C ASN A 540 -11.69 9.13 -21.59
N LEU A 541 -11.40 8.00 -22.24
CA LEU A 541 -12.24 6.82 -22.09
C LEU A 541 -12.28 6.34 -20.64
N GLY A 542 -11.11 6.22 -20.01
CA GLY A 542 -11.08 5.80 -18.62
C GLY A 542 -11.76 6.79 -17.70
N ILE A 543 -11.53 8.08 -17.94
CA ILE A 543 -12.15 9.11 -17.09
C ILE A 543 -13.67 9.04 -17.19
N VAL A 544 -14.19 8.96 -18.41
CA VAL A 544 -15.65 8.95 -18.58
C VAL A 544 -16.23 7.66 -18.00
N LEU A 545 -15.57 6.52 -18.20
CA LEU A 545 -16.09 5.27 -17.66
C LEU A 545 -16.15 5.30 -16.14
N VAL A 546 -15.06 5.71 -15.48
CA VAL A 546 -15.04 5.66 -14.02
C VAL A 546 -15.98 6.73 -13.43
N HIS A 547 -16.02 7.92 -14.03
CA HIS A 547 -16.90 8.96 -13.51
C HIS A 547 -18.36 8.57 -13.70
N GLY A 548 -18.72 7.98 -14.84
CA GLY A 548 -20.07 7.50 -15.02
C GLY A 548 -20.42 6.36 -14.09
N TYR A 549 -19.47 5.49 -13.79
CA TYR A 549 -19.69 4.45 -12.80
C TYR A 549 -19.96 5.05 -11.44
N TYR A 550 -19.21 6.09 -11.06
CA TYR A 550 -19.48 6.76 -9.80
C TYR A 550 -20.88 7.38 -9.79
N LYS A 551 -21.28 8.00 -10.90
CA LYS A 551 -22.60 8.61 -10.95
C LYS A 551 -23.71 7.57 -10.86
N ILE A 552 -23.53 6.41 -11.51
CA ILE A 552 -24.60 5.41 -11.56
C ILE A 552 -24.61 4.56 -10.30
N ASP A 553 -23.54 3.80 -10.08
CA ASP A 553 -23.41 2.95 -8.89
C ASP A 553 -21.92 2.78 -8.64
N ALA A 554 -21.39 3.55 -7.68
CA ALA A 554 -19.96 3.54 -7.41
C ALA A 554 -19.48 2.20 -6.88
N GLU A 555 -20.39 1.37 -6.38
CA GLU A 555 -20.02 0.10 -5.79
C GLU A 555 -19.43 -0.87 -6.81
N LEU A 556 -19.56 -0.58 -8.10
CA LEU A 556 -18.92 -1.38 -9.14
C LEU A 556 -17.46 -1.03 -9.36
N VAL A 557 -16.95 0.03 -8.72
CA VAL A 557 -15.57 0.45 -8.92
C VAL A 557 -14.79 0.34 -7.62
N LEU A 558 -15.49 0.46 -6.50
CA LEU A 558 -14.82 0.54 -5.21
C LEU A 558 -14.00 -0.73 -4.94
N PRO A 559 -12.75 -0.59 -4.51
CA PRO A 559 -11.90 -1.79 -4.31
C PRO A 559 -12.43 -2.76 -3.28
N THR A 560 -13.14 -2.28 -2.25
CA THR A 560 -13.52 -3.13 -1.13
C THR A 560 -14.48 -4.25 -1.54
N ILE A 561 -15.18 -4.10 -2.67
CA ILE A 561 -16.20 -5.06 -3.05
C ILE A 561 -15.58 -6.39 -3.43
N ARG A 562 -14.43 -6.37 -4.11
CA ARG A 562 -13.75 -7.61 -4.43
C ARG A 562 -13.34 -8.35 -3.17
N SER A 563 -12.83 -7.62 -2.17
CA SER A 563 -12.47 -8.26 -0.90
C SER A 563 -13.70 -8.84 -0.21
N ALA A 564 -14.83 -8.12 -0.25
CA ALA A 564 -16.05 -8.63 0.37
C ALA A 564 -16.51 -9.92 -0.29
N VAL A 565 -16.53 -9.94 -1.63
CA VAL A 565 -16.93 -11.16 -2.33
C VAL A 565 -15.95 -12.29 -2.04
N GLU A 566 -14.66 -11.98 -1.94
CA GLU A 566 -13.69 -13.00 -1.58
C GLU A 566 -13.95 -13.56 -0.19
N LYS A 567 -14.37 -12.70 0.75
CA LYS A 567 -14.72 -13.17 2.08
C LYS A 567 -15.92 -14.12 2.03
N GLN A 568 -16.96 -13.74 1.28
CA GLN A 568 -18.09 -14.66 1.15
C GLN A 568 -17.71 -15.94 0.43
N LEU A 569 -16.67 -15.91 -0.40
CA LEU A 569 -16.20 -17.15 -1.04
C LEU A 569 -15.43 -18.03 -0.06
N ASN A 570 -14.58 -17.43 0.79
CA ASN A 570 -13.95 -18.21 1.85
C ASN A 570 -14.98 -18.76 2.81
N LEU A 571 -16.16 -18.12 2.91
CA LEU A 571 -17.23 -18.66 3.75
C LEU A 571 -17.59 -20.08 3.34
N ILE A 572 -17.62 -20.37 2.03
CA ILE A 572 -17.89 -21.73 1.59
C ILE A 572 -16.61 -22.53 1.38
N ALA A 573 -15.46 -21.87 1.22
CA ALA A 573 -14.20 -22.59 1.19
C ALA A 573 -13.93 -23.26 2.54
N GLN A 574 -14.40 -22.65 3.63
CA GLN A 574 -14.26 -23.23 4.96
C GLN A 574 -15.41 -24.14 5.33
N GLY A 575 -16.43 -24.26 4.47
CA GLY A 575 -17.57 -25.10 4.76
C GLY A 575 -18.63 -24.46 5.64
N LYS A 576 -18.50 -23.17 5.94
CA LYS A 576 -19.44 -22.49 6.82
C LYS A 576 -20.68 -21.98 6.09
N ALA A 577 -20.76 -22.14 4.77
CA ALA A 577 -21.93 -21.73 4.01
C ALA A 577 -22.10 -22.73 2.86
N ASP A 578 -23.01 -22.42 1.95
CA ASP A 578 -23.36 -23.32 0.85
C ASP A 578 -22.95 -22.72 -0.48
N TYR A 579 -22.41 -23.57 -1.35
CA TYR A 579 -21.94 -23.13 -2.65
C TYR A 579 -23.06 -22.51 -3.48
N ARG A 580 -24.17 -23.24 -3.61
CA ARG A 580 -25.31 -22.73 -4.38
C ARG A 580 -25.88 -21.47 -3.75
N GLN A 581 -25.97 -21.44 -2.41
CA GLN A 581 -26.54 -20.29 -1.73
C GLN A 581 -25.72 -19.04 -2.00
N VAL A 582 -24.39 -19.12 -1.82
CA VAL A 582 -23.55 -17.94 -2.04
C VAL A 582 -23.55 -17.55 -3.51
N LEU A 583 -23.47 -18.54 -4.40
CA LEU A 583 -23.51 -18.26 -5.84
C LEU A 583 -24.76 -17.45 -6.19
N GLY A 584 -25.93 -17.93 -5.76
CA GLY A 584 -27.16 -17.24 -6.10
C GLY A 584 -27.27 -15.88 -5.43
N HIS A 585 -26.88 -15.79 -4.16
CA HIS A 585 -27.02 -14.53 -3.44
C HIS A 585 -26.07 -13.46 -3.94
N THR A 586 -24.99 -13.85 -4.63
CA THR A 586 -24.18 -12.82 -5.28
C THR A 586 -24.67 -12.54 -6.70
N LEU A 587 -25.10 -13.57 -7.42
CA LEU A 587 -25.53 -13.37 -8.80
C LEU A 587 -26.77 -12.50 -8.88
N ASP A 588 -27.74 -12.70 -7.97
CA ASP A 588 -28.96 -11.88 -8.03
C ASP A 588 -28.67 -10.42 -7.69
N VAL A 589 -27.77 -10.18 -6.73
CA VAL A 589 -27.40 -8.81 -6.39
C VAL A 589 -26.74 -8.14 -7.59
N PHE A 590 -25.80 -8.83 -8.23
CA PHE A 590 -25.13 -8.23 -9.38
C PHE A 590 -26.08 -8.10 -10.57
N LYS A 591 -27.09 -8.97 -10.67
CA LYS A 591 -28.08 -8.83 -11.72
C LYS A 591 -28.95 -7.60 -11.51
N ARG A 592 -29.35 -7.34 -10.26
CA ARG A 592 -30.09 -6.12 -9.96
C ARG A 592 -29.24 -4.90 -10.26
N LYS A 593 -27.95 -4.95 -9.91
CA LYS A 593 -27.05 -3.84 -10.22
C LYS A 593 -26.94 -3.63 -11.72
N PHE A 594 -26.84 -4.71 -12.49
CA PHE A 594 -26.75 -4.59 -13.94
C PHE A 594 -28.02 -4.01 -14.54
N HIS A 595 -29.18 -4.42 -14.02
CA HIS A 595 -30.43 -3.87 -14.54
C HIS A 595 -30.55 -2.39 -14.22
N TYR A 596 -30.15 -1.98 -13.01
CA TYR A 596 -30.12 -0.56 -12.69
C TYR A 596 -29.15 0.19 -13.60
N PHE A 597 -28.00 -0.42 -13.89
CA PHE A 597 -27.02 0.19 -14.77
C PHE A 597 -27.58 0.39 -16.17
N VAL A 598 -28.30 -0.62 -16.68
CA VAL A 598 -28.89 -0.51 -18.00
C VAL A 598 -29.96 0.57 -18.01
N ASP A 599 -30.81 0.62 -16.97
CA ASP A 599 -31.86 1.62 -16.93
C ASP A 599 -31.34 3.02 -16.67
N SER A 600 -30.11 3.16 -16.18
CA SER A 600 -29.53 4.46 -15.86
C SER A 600 -28.25 4.72 -16.63
N ILE A 601 -28.22 4.34 -17.91
CA ILE A 601 -27.02 4.53 -18.73
C ILE A 601 -26.91 5.95 -19.25
N ALA A 602 -27.97 6.75 -19.13
CA ALA A 602 -27.94 8.13 -19.60
C ALA A 602 -26.85 8.94 -18.92
N GLY A 603 -26.44 8.56 -17.71
CA GLY A 603 -25.34 9.23 -17.05
C GLY A 603 -24.06 9.16 -17.86
N MET A 604 -23.61 7.95 -18.16
CA MET A 604 -22.42 7.81 -19.00
C MET A 604 -22.65 8.35 -20.40
N ASP A 605 -23.88 8.24 -20.92
CA ASP A 605 -24.15 8.77 -22.26
C ASP A 605 -23.89 10.27 -22.31
N GLU A 606 -24.49 11.02 -21.38
CA GLU A 606 -24.30 12.47 -21.36
C GLU A 606 -22.91 12.87 -20.89
N LEU A 607 -22.22 12.00 -20.14
CA LEU A 607 -20.86 12.31 -19.74
C LEU A 607 -19.88 12.11 -20.88
N MET A 608 -20.15 11.16 -21.78
CA MET A 608 -19.30 10.93 -22.93
C MET A 608 -19.68 11.78 -24.14
N GLU A 609 -20.89 12.36 -24.15
CA GLU A 609 -21.29 13.19 -25.29
C GLU A 609 -20.33 14.35 -25.51
N VAL A 610 -19.64 14.80 -24.46
CA VAL A 610 -18.83 16.01 -24.59
C VAL A 610 -17.42 15.71 -25.07
N SER A 611 -16.94 14.48 -24.90
CA SER A 611 -15.54 14.18 -25.20
C SER A 611 -15.32 13.00 -26.12
N PHE A 612 -16.35 12.21 -26.42
CA PHE A 612 -16.22 11.03 -27.26
C PHE A 612 -15.21 10.04 -26.68
N MET B 1 -23.57 45.81 45.90
CA MET B 1 -23.91 44.71 45.00
C MET B 1 -23.36 44.96 43.60
N ALA B 2 -23.08 46.23 43.29
CA ALA B 2 -22.54 46.61 41.99
C ALA B 2 -21.04 46.83 42.03
N GLN B 3 -20.56 47.73 42.91
CA GLN B 3 -19.15 48.05 42.95
C GLN B 3 -18.31 46.86 43.40
N VAL B 4 -18.75 46.16 44.45
CA VAL B 4 -17.99 45.02 44.94
C VAL B 4 -18.01 43.88 43.93
N ALA B 5 -19.13 43.69 43.24
CA ALA B 5 -19.19 42.67 42.20
C ALA B 5 -18.25 43.01 41.04
N GLY B 6 -18.20 44.28 40.65
CA GLY B 6 -17.26 44.69 39.61
C GLY B 6 -15.82 44.47 40.06
N ALA B 7 -15.54 44.74 41.33
CA ALA B 7 -14.21 44.46 41.86
C ALA B 7 -13.90 42.97 41.81
N ALA B 8 -14.88 42.13 42.11
CA ALA B 8 -14.67 40.69 42.04
C ALA B 8 -14.38 40.24 40.60
N LEU B 9 -15.14 40.77 39.63
CA LEU B 9 -14.87 40.45 38.24
C LEU B 9 -13.48 40.92 37.81
N SER B 10 -13.08 42.11 38.25
CA SER B 10 -11.76 42.61 37.91
C SER B 10 -10.66 41.73 38.51
N GLN B 11 -10.86 41.30 39.76
CA GLN B 11 -9.88 40.40 40.39
C GLN B 11 -9.80 39.08 39.65
N ALA B 12 -10.95 38.53 39.26
CA ALA B 12 -10.95 37.28 38.49
C ALA B 12 -10.25 37.46 37.15
N GLY B 13 -10.42 38.62 36.53
CA GLY B 13 -9.78 38.89 35.26
C GLY B 13 -10.71 39.50 34.24
N TRP B 14 -12.01 39.22 34.38
CA TRP B 14 -13.00 39.74 33.44
C TRP B 14 -13.12 41.26 33.58
N TYR B 15 -13.20 41.95 32.44
CA TYR B 15 -13.34 43.40 32.44
C TYR B 15 -14.62 43.82 31.71
N LEU B 16 -15.73 43.18 32.07
CA LEU B 16 -17.03 43.45 31.48
C LEU B 16 -17.50 44.87 31.76
N SER B 17 -18.65 45.22 31.18
CA SER B 17 -19.32 46.47 31.47
C SER B 17 -20.44 46.24 32.48
N ASP B 18 -21.00 47.34 32.99
CA ASP B 18 -22.08 47.22 33.97
C ASP B 18 -23.31 46.58 33.34
N GLU B 19 -23.65 46.98 32.12
CA GLU B 19 -24.79 46.38 31.43
C GLU B 19 -24.55 44.90 31.19
N GLY B 20 -23.33 44.52 30.79
CA GLY B 20 -23.04 43.11 30.61
C GLY B 20 -23.09 42.32 31.90
N ILE B 21 -22.61 42.92 32.99
CA ILE B 21 -22.63 42.23 34.28
C ILE B 21 -24.07 42.00 34.73
N GLU B 22 -24.92 43.02 34.62
CA GLU B 22 -26.33 42.84 34.95
C GLU B 22 -27.03 41.92 33.97
N ALA B 23 -26.50 41.79 32.75
CA ALA B 23 -27.07 40.85 31.78
C ALA B 23 -26.75 39.42 32.19
N CYS B 24 -25.53 39.16 32.65
CA CYS B 24 -25.22 37.88 33.24
C CYS B 24 -26.17 37.64 34.42
N THR B 25 -26.74 36.44 34.48
CA THR B 25 -27.83 36.18 35.40
C THR B 25 -27.42 36.46 36.84
N SER B 26 -27.97 37.51 37.43
CA SER B 26 -27.71 37.88 38.82
C SER B 26 -29.06 38.11 39.47
N SER B 27 -29.66 37.03 39.95
CA SER B 27 -30.93 37.14 40.66
C SER B 27 -30.69 37.76 42.03
N PRO B 28 -31.40 38.82 42.40
CA PRO B 28 -31.19 39.43 43.72
C PRO B 28 -31.30 38.39 44.83
N ASP B 29 -30.40 38.53 45.81
CA ASP B 29 -30.37 37.68 47.00
C ASP B 29 -30.13 36.21 46.67
N LYS B 30 -29.63 35.90 45.47
CA LYS B 30 -29.41 34.51 45.08
C LYS B 30 -27.95 34.17 44.85
N VAL B 31 -27.27 34.86 43.93
CA VAL B 31 -25.90 34.51 43.55
C VAL B 31 -25.10 35.78 43.33
N ASN B 32 -23.81 35.72 43.65
CA ASN B 32 -22.95 36.89 43.59
C ASN B 32 -21.84 36.77 42.56
N VAL B 33 -20.97 35.76 42.65
CA VAL B 33 -19.79 35.73 41.78
C VAL B 33 -19.60 34.42 41.05
N ASN B 34 -20.14 33.30 41.52
CA ASN B 34 -19.84 32.02 40.88
C ASN B 34 -20.76 31.73 39.71
N ASP B 35 -22.07 31.89 39.90
CA ASP B 35 -23.01 31.57 38.83
C ASP B 35 -22.91 32.56 37.67
N ILE B 36 -22.58 33.81 37.97
CA ILE B 36 -22.40 34.79 36.89
C ILE B 36 -21.24 34.38 36.00
N ILE B 37 -20.13 33.94 36.59
CA ILE B 37 -19.02 33.41 35.82
C ILE B 37 -19.45 32.14 35.07
N LEU B 38 -20.24 31.29 35.73
CA LEU B 38 -20.64 30.03 35.12
C LEU B 38 -21.44 30.28 33.85
N ILE B 39 -22.32 31.28 33.86
CA ILE B 39 -23.08 31.58 32.66
C ILE B 39 -22.25 32.43 31.69
N ALA B 40 -21.28 33.20 32.19
CA ALA B 40 -20.44 33.99 31.30
C ALA B 40 -19.55 33.10 30.44
N LEU B 41 -19.10 31.98 30.97
CA LEU B 41 -18.36 31.03 30.15
C LEU B 41 -19.19 30.46 29.01
N ASN B 42 -20.52 30.58 29.08
CA ASN B 42 -21.38 30.01 28.06
C ASN B 42 -22.13 31.06 27.24
N THR B 43 -21.78 32.34 27.37
CA THR B 43 -22.47 33.40 26.66
C THR B 43 -21.47 34.26 25.91
N ASP B 44 -21.91 34.85 24.81
CA ASP B 44 -21.01 35.52 23.87
C ASP B 44 -20.38 36.77 24.50
N LEU B 45 -19.05 36.80 24.51
CA LEU B 45 -18.36 37.98 25.02
C LEU B 45 -18.61 39.19 24.15
N ARG B 46 -18.82 38.99 22.85
CA ARG B 46 -19.13 40.10 21.96
C ARG B 46 -20.42 40.79 22.36
N THR B 47 -21.41 40.02 22.83
CA THR B 47 -22.67 40.57 23.27
C THR B 47 -22.68 40.97 24.74
N ILE B 48 -21.68 40.54 25.52
CA ILE B 48 -21.68 40.83 26.95
C ILE B 48 -20.65 41.87 27.37
N GLY B 49 -19.36 41.66 27.08
CA GLY B 49 -18.29 42.37 27.75
C GLY B 49 -17.95 43.73 27.18
N LYS B 50 -16.88 44.30 27.75
CA LYS B 50 -16.35 45.60 27.38
C LYS B 50 -14.91 45.45 26.90
N LYS B 51 -14.47 46.37 26.06
CA LYS B 51 -13.09 46.36 25.58
C LYS B 51 -12.12 46.64 26.73
N PHE B 52 -11.01 45.90 26.73
CA PHE B 52 -9.90 46.20 27.63
C PHE B 52 -8.55 46.08 26.96
N LEU B 53 -8.46 45.52 25.76
CA LEU B 53 -7.21 45.53 25.03
C LEU B 53 -6.90 46.92 24.49
N PRO B 54 -5.64 47.18 24.12
CA PRO B 54 -5.28 48.50 23.59
C PRO B 54 -6.01 48.86 22.30
N SER B 55 -5.72 50.04 21.76
CA SER B 55 -6.43 50.48 20.58
C SER B 55 -5.93 49.79 19.31
N ASP B 56 -4.62 49.53 19.23
CA ASP B 56 -3.97 49.15 17.98
C ASP B 56 -3.04 47.97 18.17
N ILE B 57 -3.54 46.88 18.77
CA ILE B 57 -2.70 45.70 19.00
C ILE B 57 -2.12 45.20 17.68
N ASN B 58 -2.96 45.10 16.65
CA ASN B 58 -2.51 44.57 15.38
C ASN B 58 -1.57 45.52 14.64
N SER B 59 -1.53 46.79 15.02
CA SER B 59 -0.68 47.75 14.33
C SER B 59 0.79 47.42 14.49
N GLY B 60 1.19 47.02 15.70
CA GLY B 60 2.58 46.69 15.99
C GLY B 60 3.23 47.59 17.03
N LYS B 61 2.62 48.73 17.36
CA LYS B 61 3.22 49.61 18.37
C LYS B 61 3.24 48.94 19.73
N VAL B 62 2.18 48.19 20.07
CA VAL B 62 2.12 47.53 21.36
C VAL B 62 3.17 46.43 21.42
N GLU B 63 3.92 46.40 22.52
CA GLU B 63 5.01 45.43 22.69
C GLU B 63 4.74 44.39 23.75
N LYS B 64 3.98 44.71 24.80
CA LYS B 64 3.65 43.77 25.84
C LYS B 64 2.20 43.96 26.26
N LEU B 65 1.59 42.89 26.76
CA LEU B 65 0.24 42.91 27.31
C LEU B 65 0.31 42.55 28.78
N GLU B 66 -0.22 43.42 29.63
CA GLU B 66 -0.15 43.25 31.08
C GLU B 66 -1.53 43.00 31.65
N GLY B 67 -1.57 42.34 32.80
CA GLY B 67 -2.80 42.07 33.50
C GLY B 67 -3.40 40.74 33.12
N PRO B 68 -4.10 40.12 34.06
CA PRO B 68 -4.79 38.86 33.78
C PRO B 68 -6.12 39.12 33.07
N CYS B 69 -6.18 38.76 31.79
CA CYS B 69 -7.36 39.01 30.97
C CYS B 69 -8.04 37.70 30.63
N VAL B 70 -9.25 37.81 30.08
CA VAL B 70 -9.99 36.66 29.57
C VAL B 70 -10.54 37.03 28.19
N LEU B 71 -10.35 36.14 27.22
CA LEU B 71 -10.76 36.40 25.85
C LEU B 71 -11.49 35.20 25.27
N GLN B 72 -12.19 35.44 24.18
CA GLN B 72 -13.01 34.44 23.52
C GLN B 72 -12.34 34.01 22.22
N ILE B 73 -12.26 32.70 22.01
CA ILE B 73 -11.67 32.17 20.78
C ILE B 73 -12.71 32.18 19.68
N GLN B 74 -12.33 32.73 18.52
CA GLN B 74 -13.22 32.80 17.37
C GLN B 74 -12.86 31.81 16.27
N LYS B 75 -11.58 31.49 16.11
CA LYS B 75 -11.15 30.55 15.09
C LYS B 75 -9.77 30.02 15.44
N ILE B 76 -9.55 28.74 15.18
CA ILE B 76 -8.27 28.08 15.43
C ILE B 76 -7.86 27.35 14.16
N ARG B 77 -6.70 27.70 13.62
CA ARG B 77 -6.20 27.09 12.39
C ARG B 77 -4.77 26.62 12.60
N ASN B 78 -4.48 25.42 12.10
CA ASN B 78 -3.13 24.87 12.17
C ASN B 78 -2.31 25.50 11.04
N VAL B 79 -1.46 26.47 11.40
CA VAL B 79 -0.68 27.20 10.41
C VAL B 79 0.55 26.43 9.96
N ALA B 80 0.77 25.23 10.50
CA ALA B 80 1.89 24.39 10.10
C ALA B 80 1.48 23.25 9.19
N ALA B 81 0.21 23.18 8.79
CA ALA B 81 -0.28 22.14 7.90
C ALA B 81 -1.19 22.78 6.86
N PRO B 82 -1.25 22.21 5.66
CA PRO B 82 -2.09 22.79 4.61
C PRO B 82 -3.57 22.61 4.92
N LYS B 83 -4.39 23.34 4.16
CA LYS B 83 -5.83 23.34 4.41
C LYS B 83 -6.46 21.98 4.15
N ASP B 84 -6.01 21.28 3.11
CA ASP B 84 -6.61 20.00 2.76
C ASP B 84 -6.43 18.97 3.86
N ASN B 85 -5.24 18.90 4.45
CA ASN B 85 -4.97 18.04 5.60
C ASN B 85 -4.57 18.93 6.77
N GLU B 86 -5.58 19.40 7.50
CA GLU B 86 -5.34 20.33 8.60
C GLU B 86 -4.52 19.67 9.71
N GLU B 87 -4.55 18.35 9.80
CA GLU B 87 -3.73 17.60 10.75
C GLU B 87 -2.74 16.74 9.97
N SER B 88 -1.48 16.81 10.37
CA SER B 88 -0.43 16.06 9.70
C SER B 88 0.76 15.91 10.63
N GLN B 89 1.60 14.91 10.35
CA GLN B 89 2.81 14.68 11.12
C GLN B 89 4.05 15.27 10.47
N ALA B 90 3.89 15.98 9.36
CA ALA B 90 5.05 16.55 8.68
C ALA B 90 5.70 17.65 9.51
N ALA B 91 4.90 18.46 10.18
CA ALA B 91 5.41 19.58 10.94
C ALA B 91 4.80 19.57 12.34
N PRO B 92 5.52 20.09 13.33
CA PRO B 92 4.95 20.19 14.68
C PRO B 92 3.74 21.10 14.69
N ARG B 93 2.78 20.78 15.56
CA ARG B 93 1.54 21.53 15.60
C ARG B 93 1.80 22.98 15.98
N MET B 94 1.07 23.88 15.33
CA MET B 94 1.25 25.31 15.56
C MET B 94 -0.04 26.00 15.17
N LEU B 95 -0.77 26.52 16.16
CA LEU B 95 -2.14 26.99 15.97
C LEU B 95 -2.17 28.51 15.96
N ARG B 96 -2.85 29.08 14.97
CA ARG B 96 -2.99 30.52 14.84
C ARG B 96 -4.36 30.90 15.42
N LEU B 97 -4.39 31.14 16.72
CA LEU B 97 -5.63 31.48 17.39
C LEU B 97 -6.07 32.88 17.03
N GLN B 98 -7.38 33.06 16.87
CA GLN B 98 -7.99 34.37 16.75
C GLN B 98 -8.81 34.61 18.00
N MET B 99 -8.55 35.72 18.69
CA MET B 99 -9.13 35.97 19.99
C MET B 99 -9.80 37.33 20.00
N THR B 100 -10.84 37.47 20.82
CA THR B 100 -11.60 38.71 20.87
C THR B 100 -11.96 39.04 22.30
N ASP B 101 -12.04 40.34 22.57
CA ASP B 101 -12.57 40.86 23.83
C ASP B 101 -14.00 41.37 23.69
N GLY B 102 -14.64 41.10 22.55
CA GLY B 102 -15.95 41.62 22.25
C GLY B 102 -15.94 42.84 21.35
N HIS B 103 -14.81 43.52 21.23
CA HIS B 103 -14.73 44.70 20.39
C HIS B 103 -13.58 44.65 19.39
N ILE B 104 -12.43 44.12 19.78
CA ILE B 104 -11.24 44.13 18.94
C ILE B 104 -10.73 42.71 18.80
N SER B 105 -10.37 42.34 17.57
CA SER B 105 -9.81 41.02 17.29
C SER B 105 -8.28 41.07 17.32
N CYS B 106 -7.68 40.00 17.80
CA CYS B 106 -6.24 39.87 17.90
C CYS B 106 -5.85 38.45 17.53
N THR B 107 -4.56 38.24 17.27
CA THR B 107 -4.07 36.95 16.84
C THR B 107 -3.00 36.46 17.79
N ALA B 108 -3.07 35.18 18.14
CA ALA B 108 -2.13 34.55 19.06
C ALA B 108 -1.45 33.38 18.37
N VAL B 109 -0.17 33.20 18.64
CA VAL B 109 0.64 32.15 18.07
C VAL B 109 1.26 31.33 19.19
N GLU B 110 1.29 30.02 18.99
CA GLU B 110 1.75 29.07 20.00
C GLU B 110 3.20 28.69 19.74
N PHE B 111 4.08 28.97 20.70
CA PHE B 111 5.44 28.43 20.63
C PHE B 111 5.51 26.99 21.13
N SER B 112 5.26 26.79 22.42
CA SER B 112 5.40 25.48 23.02
C SER B 112 4.10 24.71 22.90
N TYR B 113 4.21 23.38 22.82
CA TYR B 113 3.03 22.54 22.71
C TYR B 113 2.08 22.81 23.87
N MET B 114 0.82 23.05 23.54
CA MET B 114 -0.20 23.40 24.52
C MET B 114 -1.26 22.29 24.50
N SER B 115 -1.20 21.38 25.46
CA SER B 115 -2.19 20.32 25.54
C SER B 115 -3.43 20.78 26.29
N LYS B 116 -3.91 21.96 25.91
CA LYS B 116 -5.19 22.48 26.37
C LYS B 116 -6.01 23.10 25.25
N ILE B 117 -5.42 23.39 24.10
CA ILE B 117 -6.12 23.93 22.94
C ILE B 117 -5.79 23.05 21.74
N SER B 118 -6.82 22.58 21.05
CA SER B 118 -6.65 21.71 19.90
C SER B 118 -7.59 22.15 18.79
N LEU B 119 -7.46 21.51 17.64
CA LEU B 119 -8.36 21.80 16.53
C LEU B 119 -9.80 21.42 16.84
N ASN B 120 -10.02 20.58 17.84
CA ASN B 120 -11.36 20.18 18.25
C ASN B 120 -11.92 21.07 19.34
N THR B 121 -11.21 22.11 19.75
CA THR B 121 -11.73 23.01 20.76
C THR B 121 -12.86 23.85 20.17
N PRO B 122 -14.05 23.82 20.75
CA PRO B 122 -15.18 24.55 20.16
C PRO B 122 -14.92 26.05 20.14
N PRO B 123 -15.35 26.74 19.09
CA PRO B 123 -15.30 28.20 19.12
C PRO B 123 -16.15 28.76 20.24
N GLY B 124 -15.72 29.90 20.76
CA GLY B 124 -16.33 30.48 21.93
C GLY B 124 -15.68 30.07 23.24
N THR B 125 -14.75 29.13 23.21
CA THR B 125 -14.04 28.73 24.42
C THR B 125 -13.24 29.92 24.95
N LYS B 126 -13.18 30.03 26.27
CA LYS B 126 -12.53 31.16 26.91
C LYS B 126 -11.10 30.82 27.29
N VAL B 127 -10.18 31.73 26.99
CA VAL B 127 -8.77 31.58 27.34
C VAL B 127 -8.38 32.73 28.24
N LYS B 128 -7.77 32.40 29.38
CA LYS B 128 -7.34 33.38 30.35
C LYS B 128 -5.83 33.58 30.23
N LEU B 129 -5.42 34.83 30.06
CA LEU B 129 -4.03 35.20 29.91
C LEU B 129 -3.53 35.73 31.25
N SER B 130 -2.48 35.12 31.77
CA SER B 130 -1.94 35.42 33.08
C SER B 130 -0.53 35.99 32.94
N GLY B 131 -0.25 37.06 33.66
CA GLY B 131 1.07 37.65 33.63
C GLY B 131 1.32 38.44 32.36
N ILE B 132 2.58 38.81 32.18
CA ILE B 132 2.98 39.56 31.01
C ILE B 132 3.04 38.63 29.80
N VAL B 133 2.38 39.03 28.72
CA VAL B 133 2.35 38.25 27.49
C VAL B 133 2.99 39.09 26.39
N ASP B 134 4.00 38.54 25.74
CA ASP B 134 4.71 39.27 24.70
C ASP B 134 3.90 39.28 23.41
N ILE B 135 3.98 40.38 22.68
CA ILE B 135 3.49 40.47 21.31
C ILE B 135 4.65 40.92 20.44
N LYS B 136 4.91 40.17 19.36
CA LYS B 136 6.11 40.43 18.57
C LYS B 136 5.88 41.44 17.45
N ASN B 137 4.97 41.12 16.53
CA ASN B 137 4.59 42.03 15.47
C ASN B 137 3.13 42.46 15.57
N GLY B 138 2.22 41.51 15.48
CA GLY B 138 0.83 41.76 15.77
C GLY B 138 0.28 40.54 16.46
N PHE B 139 1.21 39.67 16.87
CA PHE B 139 0.89 38.34 17.33
C PHE B 139 1.32 38.16 18.77
N LEU B 140 0.40 37.63 19.59
CA LEU B 140 0.62 37.37 21.00
C LEU B 140 1.21 35.98 21.18
N LEU B 141 2.37 35.88 21.81
CA LEU B 141 3.01 34.60 22.05
C LEU B 141 2.33 33.91 23.22
N LEU B 142 1.85 32.68 23.00
CA LEU B 142 1.13 31.92 24.01
C LEU B 142 1.89 30.64 24.32
N ASN B 143 2.03 30.33 25.60
CA ASN B 143 2.64 29.08 26.04
C ASN B 143 1.82 28.47 27.15
N ASP B 144 2.33 27.40 27.77
CA ASP B 144 1.59 26.75 28.84
C ASP B 144 1.55 27.59 30.12
N SER B 145 2.52 28.50 30.29
CA SER B 145 2.59 29.26 31.53
C SER B 145 1.54 30.37 31.58
N ASN B 146 1.26 31.02 30.46
CA ASN B 146 0.45 32.23 30.45
C ASN B 146 -0.95 32.02 29.87
N THR B 147 -1.34 30.79 29.60
CA THR B 147 -2.67 30.51 29.05
C THR B 147 -3.35 29.44 29.88
N THR B 148 -4.59 29.70 30.27
CA THR B 148 -5.43 28.70 30.93
C THR B 148 -6.77 28.62 30.22
N VAL B 149 -7.18 27.41 29.85
CA VAL B 149 -8.44 27.21 29.16
C VAL B 149 -9.55 27.06 30.20
N LEU B 150 -10.57 27.92 30.10
CA LEU B 150 -11.69 27.87 31.04
C LEU B 150 -12.91 27.18 30.47
N GLY B 151 -12.84 26.66 29.25
CA GLY B 151 -13.96 25.94 28.68
C GLY B 151 -15.12 26.86 28.32
N GLY B 152 -16.26 26.23 28.05
CA GLY B 152 -17.47 26.98 27.75
C GLY B 152 -18.06 26.70 26.38
N GLU B 153 -19.39 26.70 26.30
CA GLU B 153 -20.10 26.51 25.04
C GLU B 153 -21.06 27.67 24.85
N VAL B 154 -20.98 28.32 23.69
CA VAL B 154 -21.71 29.57 23.47
C VAL B 154 -22.80 29.33 22.45
N GLU B 155 -23.31 28.09 22.40
CA GLU B 155 -24.39 27.71 21.49
C GLU B 155 -24.02 28.04 20.04
N HIS B 156 -22.93 27.41 19.58
CA HIS B 156 -22.47 27.55 18.22
C HIS B 156 -22.61 26.22 17.49
N LEU B 157 -23.00 26.29 16.22
CA LEU B 157 -23.22 25.09 15.42
C LEU B 157 -21.86 24.47 15.07
N ILE B 158 -21.89 23.45 14.21
CA ILE B 158 -20.65 22.78 13.83
C ILE B 158 -19.79 23.68 12.95
N GLU B 159 -20.41 24.39 12.01
CA GLU B 159 -19.69 25.18 11.01
C GLU B 159 -18.57 24.39 10.37
N LYS B 160 -18.90 23.18 9.91
CA LYS B 160 -17.93 22.28 9.32
C LYS B 160 -18.60 21.53 8.17
N TRP B 161 -17.83 20.64 7.55
CA TRP B 161 -18.29 19.85 6.40
C TRP B 161 -18.73 20.73 5.24
#